data_8CYJ
#
_entry.id   8CYJ
#
_cell.length_a   1.00
_cell.length_b   1.00
_cell.length_c   1.00
_cell.angle_alpha   90.00
_cell.angle_beta   90.00
_cell.angle_gamma   90.00
#
_symmetry.space_group_name_H-M   'P 1'
#
loop_
_entity.id
_entity.type
_entity.pdbx_description
1 polymer 'pan-sarbecovirus nanobody 2-67'
2 polymer 'pan-sarbecovirus nanobody 1-25'
3 polymer 'pan-sarbecovirus nanobody 2-10'
4 polymer 'pan-sarbecovirus nanobody 2-62'
5 polymer 'Spike glycoprotein'
#
loop_
_entity_poly.entity_id
_entity_poly.type
_entity_poly.pdbx_seq_one_letter_code
_entity_poly.pdbx_strand_id
1 'polypeptide(L)'
;EVQLVESGGGLVQTGGSLRLSCALSGYTFSIFPTAWFRQAPGKEREFVAGIRWNGSTRDYTEYADFVKGRFTISRDNAKN
MVYLQMISLKPEDTALYYCAASDGVIDGTNANAYRYWGQGTQVTVSS
;
A
2 'polypeptide(L)'
;HVQLVESGGGLVQAGGSLRLSCATSGRTFSTYRMSWFRQAPGKEREFVATIIWSVGSTHYADSVKGRFTISRDNAKNMVY
LQMNSLKPEDTAVYYCAAQRSDSSSWGYEDDYDYWGQGTQVTVSS
;
B
3 'polypeptide(L)'
;QVQLVESGGGLVQPGGSLRLSCAASGFTFNRYAMSWVRQAPGKGREWVSGIYSDGSETYYTESVKGRFTISRDNAKNMLY
LQMNSLKPEDTALYYCAKDENAHEDYFNSGFDRKYDYWGQGTQVTVSS
;
C
4 'polypeptide(L)'
;QVQLVESGGGLVQAGGSLRLSCAASGRTFSTYAMAWFRQAPGKEREFVAGVARSADTTYYGDSVKGRFTISRDNAKNEVN
LQMSSLKPEDTAVYYCAARSVIQYGIVPGNDFHYEYWGQGTQVTVSS
;
D
5 'polypeptide(L)'
;MFVFLVLLPLVSSQCVNLTTRTQLPPAYTNSFTRGVYYPDKVFRSSVLHSTQDLFLPFFSNVTWFHAIHVSGTNGTKRFD
NPVLPFNDGVYFASTEKSNIIRGWIFGTTLDSKTQSLLIVNNATNVVIKVCEFQFCNDPFLGVYYHKNNKSWMESEFRVY
SSANNCTFEYVSQPFLMDLEGKQGNFKNLREFVFKNIDGYFKIYSKHTPINLVRDLPQGFSALEPLVDLPIGINITRFQT
LLALHRSYLTPGDSSSGWTAGAAAYYVGYLQPRTFLLKYNENGTITDAVDCALDPLSETKCTLKSFTVEKGIYQTSNFRV
QPTESIVRFPNITNLCPFGEVFNATRFASVYAWNRKRISNCVADYSVLYNSASFSTFKCYGVSPTKLNDLCFTNVYADSF
VIRGDEVRQIAPGQTGKIADYNYKLPDDFTGCVIAWNSNNLDSKVGGNYNYLYRLFRKSNLKPFERDISTEIYQAGSTPC
NGVEGFNCYFPLQSYGFQPTNGVGYQPYRVVVLSFELLHAPATVCGPKKSTNLVKNKCVNFNFNGLTGTGVLTESNKKFL
PFQQFGRDIADTTDAVRDPQTLEILDITPCSFGGVSVITPGTNTSNQVAVLYQDVNCTEVPVAIHADQLTPTWRVYSTGS
NVFQTRAGCLIGAEHVNNSYECDIPIGAGICASYQTQTNSPRRARSVASQSIIAYTMSLGAENSVAYSNNSIAIPTNFTI
SVTTEILPVSMTKTSVDCTMYICGDSTECSNLLLQYGSFCTQLNRALTGIAVEQDKNTQEVFAQVKQIYKTPPIKDFGGF
NFSQILPDPSKPSKRSFIEDLLFNKVTLADAGFIKQYGDCLGDIAARDLICAQKFNGLTVLPPLLTDEMIAQYTSALLAG
TITSGWTFGAGAALQIPFAMQMAYRFNGIGVTQNVLYENQKLIANQFNSAIGKIQDSLSSTASALGKLQDVVNQNAQALN
TLVKQLSSNFGAISSVLNDILSRLDPPEAEVQIDRLITGRLQSLQTYVTQQLIRAAEIRASANLAATKMSECVLGQSKRV
DFCGKGYHLMSFPQSAPHGVVFLHVTYVPAQEKNFTTAPAICHDGKAHFPREGVFVSNGTHWFVTQRNFYEPQIITTDNT
FVSGNCDVVIGIVNNTVYDPLQPELDSFKEELDKYFKNHTSPDVDLGDISGINASVVNIQKEIDRLNEVAKNLNESLIDL
QELGKYEQYIKWPWYIWLGFIAGLIAIVMVTIMLCCMTSCCSCLKGCCSCGSCCKFDEDDSEPVLKGVKLHYT
;
R
#
# COMPACT_ATOMS: atom_id res chain seq x y z
N GLU A 1 19.11 13.24 -24.92
CA GLU A 1 17.89 14.00 -25.32
C GLU A 1 17.24 13.38 -26.56
N VAL A 2 15.95 13.62 -26.72
CA VAL A 2 15.19 13.11 -27.86
C VAL A 2 15.35 14.09 -29.01
N GLN A 3 15.84 13.58 -30.15
CA GLN A 3 16.15 14.41 -31.30
C GLN A 3 15.23 14.04 -32.46
N LEU A 4 14.62 15.05 -33.07
CA LEU A 4 13.71 14.87 -34.18
C LEU A 4 14.26 15.63 -35.39
N VAL A 5 14.38 14.95 -36.52
CA VAL A 5 14.93 15.53 -37.73
C VAL A 5 13.88 15.42 -38.84
N GLU A 6 13.55 16.56 -39.44
CA GLU A 6 12.52 16.63 -40.48
C GLU A 6 13.18 16.74 -41.84
N SER A 7 12.72 15.93 -42.79
CA SER A 7 13.22 15.94 -44.16
C SER A 7 12.05 15.94 -45.13
N GLY A 8 12.26 16.56 -46.29
CA GLY A 8 11.21 16.72 -47.26
C GLY A 8 10.86 18.18 -47.45
N GLY A 9 9.56 18.49 -47.45
CA GLY A 9 9.15 19.87 -47.54
C GLY A 9 9.60 20.53 -48.83
N GLY A 10 10.10 21.75 -48.71
CA GLY A 10 10.51 22.52 -49.87
C GLY A 10 9.33 23.16 -50.57
N LEU A 11 9.58 23.57 -51.80
CA LEU A 11 8.56 24.20 -52.64
C LEU A 11 8.01 23.16 -53.61
N VAL A 12 6.69 23.01 -53.62
CA VAL A 12 6.02 22.06 -54.49
C VAL A 12 4.81 22.74 -55.12
N GLN A 13 4.53 22.37 -56.36
CA GLN A 13 3.47 23.01 -57.13
C GLN A 13 2.11 22.72 -56.51
N THR A 14 1.20 23.68 -56.67
CA THR A 14 -0.15 23.58 -56.09
C THR A 14 -0.90 22.46 -56.78
N GLY A 15 -1.42 21.53 -55.99
CA GLY A 15 -2.15 20.40 -56.52
C GLY A 15 -1.31 19.14 -56.63
N GLY A 16 -0.08 19.20 -56.13
CA GLY A 16 0.85 18.09 -56.21
C GLY A 16 0.81 17.22 -54.97
N SER A 17 1.81 16.34 -54.87
CA SER A 17 1.95 15.41 -53.76
C SER A 17 3.31 15.61 -53.10
N LEU A 18 3.38 15.25 -51.82
CA LEU A 18 4.60 15.43 -51.05
C LEU A 18 4.64 14.39 -49.94
N ARG A 19 5.84 14.14 -49.43
CA ARG A 19 6.03 13.21 -48.33
C ARG A 19 7.06 13.78 -47.37
N LEU A 20 6.69 13.83 -46.09
CA LEU A 20 7.54 14.36 -45.04
C LEU A 20 8.00 13.22 -44.14
N SER A 21 9.31 13.17 -43.89
CA SER A 21 9.90 12.10 -43.08
C SER A 21 10.50 12.71 -41.82
N CYS A 22 9.98 12.32 -40.66
CA CYS A 22 10.50 12.76 -39.38
C CYS A 22 11.18 11.59 -38.69
N ALA A 23 12.50 11.66 -38.59
CA ALA A 23 13.30 10.63 -37.92
C ALA A 23 13.44 11.00 -36.45
N LEU A 24 13.07 10.07 -35.58
CA LEU A 24 13.11 10.26 -34.14
C LEU A 24 14.19 9.37 -33.54
N SER A 25 15.04 9.95 -32.69
CA SER A 25 16.10 9.20 -32.05
C SER A 25 16.20 9.64 -30.59
N GLY A 26 16.90 8.83 -29.81
CA GLY A 26 16.94 8.98 -28.37
C GLY A 26 15.91 8.13 -27.64
N TYR A 27 15.00 7.50 -28.37
CA TYR A 27 14.00 6.62 -27.77
C TYR A 27 13.39 5.77 -28.88
N THR A 28 12.73 4.70 -28.48
CA THR A 28 12.09 3.77 -29.42
C THR A 28 10.59 3.80 -29.19
N PHE A 29 9.84 3.89 -30.29
CA PHE A 29 8.39 3.97 -30.19
C PHE A 29 7.83 2.74 -29.46
N SER A 30 7.24 2.99 -28.30
CA SER A 30 6.58 1.93 -27.53
C SER A 30 5.12 2.26 -27.33
N ILE A 31 4.83 3.43 -26.75
CA ILE A 31 3.46 3.87 -26.57
C ILE A 31 3.32 5.33 -27.00
N PHE A 32 4.44 5.98 -27.31
CA PHE A 32 4.45 7.42 -27.46
C PHE A 32 3.79 7.83 -28.77
N PRO A 33 2.76 8.67 -28.77
CA PRO A 33 2.23 9.19 -30.02
C PRO A 33 3.07 10.33 -30.57
N THR A 34 3.12 10.43 -31.89
CA THR A 34 3.85 11.48 -32.57
C THR A 34 2.88 12.37 -33.31
N ALA A 35 3.04 13.70 -33.14
CA ALA A 35 2.09 14.66 -33.66
C ALA A 35 2.77 15.59 -34.66
N TRP A 36 2.14 15.74 -35.82
CA TRP A 36 2.56 16.71 -36.83
C TRP A 36 1.74 17.98 -36.65
N PHE A 37 2.42 19.09 -36.35
CA PHE A 37 1.82 20.40 -36.22
C PHE A 37 2.35 21.30 -37.33
N ARG A 38 1.61 22.38 -37.62
CA ARG A 38 2.06 23.38 -38.58
C ARG A 38 1.91 24.76 -37.97
N GLN A 39 2.94 25.58 -38.13
CA GLN A 39 2.92 26.98 -37.75
C GLN A 39 2.93 27.82 -39.03
N ALA A 40 1.89 28.62 -39.21
CA ALA A 40 1.72 29.45 -40.39
C ALA A 40 1.74 30.92 -40.02
N PRO A 41 2.04 31.81 -40.97
CA PRO A 41 2.05 33.25 -40.67
C PRO A 41 0.72 33.67 -40.06
N GLY A 42 0.78 34.20 -38.84
CA GLY A 42 -0.40 34.60 -38.11
C GLY A 42 -1.11 33.48 -37.40
N LYS A 43 -0.56 32.26 -37.41
CA LYS A 43 -1.16 31.11 -36.75
C LYS A 43 -0.16 30.48 -35.79
N GLU A 44 -0.66 30.01 -34.66
CA GLU A 44 0.17 29.29 -33.69
C GLU A 44 0.33 27.84 -34.17
N ARG A 45 0.94 27.02 -33.33
CA ARG A 45 1.16 25.60 -33.64
C ARG A 45 -0.13 24.85 -33.32
N GLU A 46 -0.83 24.42 -34.37
CA GLU A 46 -2.12 23.78 -34.24
C GLU A 46 -2.06 22.35 -34.77
N PHE A 47 -3.01 21.52 -34.32
CA PHE A 47 -3.03 20.12 -34.73
C PHE A 47 -3.21 20.00 -36.23
N VAL A 48 -2.39 19.13 -36.84
CA VAL A 48 -2.49 18.78 -38.25
C VAL A 48 -2.66 17.28 -38.44
N ALA A 49 -1.85 16.49 -37.75
CA ALA A 49 -1.96 15.04 -37.83
C ALA A 49 -1.37 14.41 -36.58
N GLY A 50 -1.66 13.13 -36.38
CA GLY A 50 -1.10 12.40 -35.26
C GLY A 50 -1.16 10.91 -35.51
N ILE A 51 -0.20 10.19 -34.93
CA ILE A 51 -0.11 8.75 -35.06
C ILE A 51 0.20 8.16 -33.69
N ARG A 52 -0.51 7.09 -33.34
CA ARG A 52 -0.29 6.39 -32.07
C ARG A 52 -0.23 4.89 -32.30
N TRP A 53 0.79 4.25 -31.74
CA TRP A 53 0.96 2.80 -31.84
C TRP A 53 0.38 2.15 -30.58
N ASN A 54 -0.80 1.54 -30.76
CA ASN A 54 -1.49 0.91 -29.63
C ASN A 54 -0.60 -0.12 -28.95
N GLY A 55 0.26 -0.77 -29.71
CA GLY A 55 1.20 -1.71 -29.15
C GLY A 55 0.78 -3.16 -29.17
N SER A 56 -0.36 -3.47 -29.80
CA SER A 56 -0.78 -4.87 -29.88
C SER A 56 -0.76 -5.38 -31.32
N THR A 57 -1.56 -4.78 -32.21
CA THR A 57 -1.52 -5.17 -33.62
C THR A 57 -1.70 -4.00 -34.58
N ARG A 58 -2.19 -2.86 -34.10
CA ARG A 58 -2.75 -1.85 -34.99
C ARG A 58 -2.25 -0.46 -34.64
N ASP A 59 -2.28 0.42 -35.63
CA ASP A 59 -1.91 1.83 -35.48
C ASP A 59 -3.13 2.71 -35.63
N TYR A 60 -3.16 3.80 -34.85
CA TYR A 60 -4.30 4.71 -34.82
C TYR A 60 -3.90 6.05 -35.41
N THR A 61 -4.73 6.56 -36.32
CA THR A 61 -4.46 7.78 -37.06
C THR A 61 -5.44 8.87 -36.65
N GLU A 62 -4.90 10.07 -36.42
CA GLU A 62 -5.69 11.25 -36.08
C GLU A 62 -5.46 12.30 -37.15
N TYR A 63 -6.55 12.71 -37.81
CA TYR A 63 -6.50 13.73 -38.85
C TYR A 63 -7.35 14.91 -38.43
N ALA A 64 -6.80 16.11 -38.55
CA ALA A 64 -7.53 17.30 -38.15
C ALA A 64 -8.80 17.46 -38.99
N ASP A 65 -9.71 18.30 -38.50
CA ASP A 65 -11.01 18.44 -39.14
C ASP A 65 -10.88 18.91 -40.58
N PHE A 66 -10.00 19.88 -40.83
CA PHE A 66 -9.88 20.46 -42.16
C PHE A 66 -8.91 19.69 -43.05
N VAL A 67 -8.38 18.57 -42.59
CA VAL A 67 -7.43 17.78 -43.38
C VAL A 67 -7.88 16.33 -43.42
N LYS A 68 -9.11 16.07 -42.98
CA LYS A 68 -9.60 14.70 -42.92
C LYS A 68 -9.91 14.19 -44.32
N GLY A 69 -9.68 12.89 -44.54
CA GLY A 69 -9.97 12.29 -45.82
C GLY A 69 -9.12 12.78 -46.96
N ARG A 70 -8.00 13.44 -46.67
CA ARG A 70 -7.12 13.98 -47.70
C ARG A 70 -5.64 13.72 -47.46
N PHE A 71 -5.24 13.29 -46.26
CA PHE A 71 -3.84 13.09 -45.90
C PHE A 71 -3.65 11.70 -45.33
N THR A 72 -2.41 11.20 -45.37
CA THR A 72 -2.10 9.91 -44.78
C THR A 72 -0.92 10.06 -43.82
N ILE A 73 -0.94 9.32 -42.72
CA ILE A 73 0.14 9.31 -41.75
C ILE A 73 0.50 7.86 -41.44
N SER A 74 1.77 7.53 -41.55
CA SER A 74 2.26 6.19 -41.27
C SER A 74 3.58 6.30 -40.51
N ARG A 75 4.13 5.14 -40.15
CA ARG A 75 5.33 5.09 -39.33
C ARG A 75 6.05 3.77 -39.55
N ASP A 76 7.37 3.78 -39.33
CA ASP A 76 8.19 2.57 -39.30
C ASP A 76 9.03 2.55 -38.02
N ASN A 77 8.94 1.46 -37.24
CA ASN A 77 9.82 1.31 -36.08
C ASN A 77 11.24 1.01 -36.51
N ALA A 78 11.43 0.10 -37.48
CA ALA A 78 12.78 -0.36 -37.82
C ALA A 78 13.69 0.82 -38.11
N LYS A 79 13.19 1.83 -38.81
CA LYS A 79 13.92 3.07 -39.04
C LYS A 79 13.38 4.21 -38.18
N ASN A 80 12.59 3.90 -37.15
CA ASN A 80 12.07 4.84 -36.17
C ASN A 80 11.75 6.19 -36.78
N MET A 81 10.91 6.20 -37.83
CA MET A 81 10.59 7.44 -38.52
C MET A 81 9.10 7.46 -38.83
N VAL A 82 8.59 8.67 -39.09
CA VAL A 82 7.18 8.89 -39.33
C VAL A 82 7.03 9.53 -40.72
N TYR A 83 6.14 8.96 -41.53
CA TYR A 83 5.83 9.45 -42.86
C TYR A 83 4.50 10.20 -42.85
N LEU A 84 4.49 11.38 -43.46
CA LEU A 84 3.27 12.14 -43.69
C LEU A 84 3.12 12.35 -45.20
N GLN A 85 2.12 11.70 -45.79
CA GLN A 85 1.86 11.80 -47.21
C GLN A 85 0.74 12.81 -47.43
N MET A 86 0.98 13.75 -48.33
CA MET A 86 0.14 14.91 -48.54
C MET A 86 -0.21 15.03 -50.01
N ILE A 87 -1.51 15.17 -50.31
CA ILE A 87 -1.99 15.22 -51.68
C ILE A 87 -2.98 16.36 -51.84
N SER A 88 -3.18 16.76 -53.09
CA SER A 88 -4.07 17.87 -53.44
C SER A 88 -3.76 19.10 -52.59
N LEU A 89 -2.55 19.62 -52.81
CA LEU A 89 -2.06 20.76 -52.03
C LEU A 89 -2.90 22.00 -52.29
N LYS A 90 -2.96 22.88 -51.29
CA LYS A 90 -3.58 24.18 -51.41
C LYS A 90 -2.64 25.26 -50.92
N PRO A 91 -2.81 26.51 -51.39
CA PRO A 91 -1.88 27.56 -50.98
C PRO A 91 -1.79 27.76 -49.48
N GLU A 92 -2.90 27.60 -48.76
CA GLU A 92 -2.88 27.83 -47.31
C GLU A 92 -2.07 26.77 -46.57
N ASP A 93 -1.69 25.69 -47.25
CA ASP A 93 -0.90 24.64 -46.61
C ASP A 93 0.53 25.09 -46.30
N THR A 94 0.99 26.18 -46.93
CA THR A 94 2.36 26.63 -46.72
C THR A 94 2.57 26.99 -45.25
N ALA A 95 3.61 26.42 -44.64
CA ALA A 95 3.89 26.66 -43.23
C ALA A 95 5.16 25.92 -42.83
N LEU A 96 5.58 26.15 -41.58
CA LEU A 96 6.66 25.38 -40.97
C LEU A 96 6.04 24.18 -40.27
N TYR A 97 6.37 22.98 -40.74
CA TYR A 97 5.82 21.74 -40.21
C TYR A 97 6.78 21.15 -39.20
N TYR A 98 6.29 20.92 -37.98
CA TYR A 98 7.06 20.34 -36.90
C TYR A 98 6.49 18.96 -36.56
N CYS A 99 7.38 18.03 -36.24
CA CYS A 99 7.00 16.75 -35.66
C CYS A 99 7.42 16.72 -34.21
N ALA A 100 6.50 16.36 -33.32
CA ALA A 100 6.71 16.48 -31.89
C ALA A 100 6.34 15.18 -31.19
N ALA A 101 7.08 14.87 -30.12
CA ALA A 101 6.79 13.76 -29.23
C ALA A 101 6.69 14.29 -27.81
N SER A 102 5.73 13.77 -27.05
CA SER A 102 5.50 14.23 -25.69
C SER A 102 6.60 13.72 -24.76
N ASP A 103 6.88 14.51 -23.72
CA ASP A 103 7.80 14.10 -22.67
C ASP A 103 7.33 12.83 -21.97
N GLY A 104 6.04 12.57 -21.97
CA GLY A 104 5.49 11.31 -21.49
C GLY A 104 4.48 10.78 -22.48
N VAL A 105 3.25 10.53 -22.03
CA VAL A 105 2.15 10.16 -22.91
C VAL A 105 0.95 11.07 -22.75
N ILE A 106 1.02 12.08 -21.89
CA ILE A 106 -0.12 12.95 -21.60
C ILE A 106 -0.56 13.66 -22.88
N ASP A 107 -1.85 13.52 -23.21
CA ASP A 107 -2.47 14.24 -24.32
C ASP A 107 -1.95 13.77 -25.66
N GLY A 108 -2.83 13.71 -26.65
CA GLY A 108 -2.46 13.40 -28.02
C GLY A 108 -2.66 14.60 -28.92
N THR A 109 -3.66 15.41 -28.60
CA THR A 109 -3.97 16.64 -29.33
C THR A 109 -3.85 17.81 -28.36
N ASN A 110 -2.63 18.29 -28.15
CA ASN A 110 -2.39 19.49 -27.37
C ASN A 110 -1.00 20.03 -27.67
N ALA A 111 -0.92 21.27 -28.15
CA ALA A 111 0.37 21.82 -28.57
C ALA A 111 1.30 22.03 -27.39
N ASN A 112 0.80 22.65 -26.32
CA ASN A 112 1.65 23.00 -25.19
C ASN A 112 2.15 21.77 -24.43
N ALA A 113 1.40 20.67 -24.44
CA ALA A 113 1.80 19.48 -23.70
C ALA A 113 3.04 18.82 -24.29
N TYR A 114 3.32 19.04 -25.57
CA TYR A 114 4.48 18.45 -26.22
C TYR A 114 5.71 19.31 -25.92
N ARG A 115 6.64 18.77 -25.13
CA ARG A 115 7.81 19.51 -24.69
C ARG A 115 9.06 19.23 -25.52
N TYR A 116 8.96 18.38 -26.54
CA TYR A 116 10.03 18.24 -27.53
C TYR A 116 9.56 18.84 -28.85
N TRP A 117 10.31 19.82 -29.34
CA TRP A 117 10.04 20.46 -30.62
C TRP A 117 11.25 20.28 -31.53
N GLY A 118 11.01 19.79 -32.73
CA GLY A 118 12.07 19.63 -33.70
C GLY A 118 12.44 20.97 -34.32
N GLN A 119 13.35 20.90 -35.30
CA GLN A 119 13.77 22.07 -36.05
C GLN A 119 12.80 22.43 -37.17
N GLY A 120 11.79 21.59 -37.41
CA GLY A 120 10.77 21.89 -38.38
C GLY A 120 11.29 21.92 -39.80
N THR A 121 10.37 21.94 -40.78
CA THR A 121 10.73 22.04 -42.18
C THR A 121 9.73 22.97 -42.87
N GLN A 122 10.26 23.87 -43.69
CA GLN A 122 9.44 24.78 -44.46
C GLN A 122 8.78 24.04 -45.62
N VAL A 123 7.48 24.24 -45.78
CA VAL A 123 6.73 23.66 -46.88
C VAL A 123 5.96 24.77 -47.56
N THR A 124 6.12 24.89 -48.88
CA THR A 124 5.51 25.94 -49.66
C THR A 124 4.74 25.32 -50.83
N VAL A 125 3.52 25.82 -51.05
CA VAL A 125 2.64 25.35 -52.11
C VAL A 125 2.46 26.48 -53.11
N SER A 126 3.06 26.34 -54.29
CA SER A 126 2.91 27.32 -55.35
C SER A 126 3.48 26.79 -56.66
N SER A 127 2.82 27.09 -57.77
CA SER A 127 3.26 26.61 -59.08
C SER A 127 4.04 27.69 -59.81
N HIS B 1 6.38 11.48 4.47
CA HIS B 1 7.62 12.27 4.17
C HIS B 1 8.69 12.03 5.23
N VAL B 2 9.94 12.11 4.80
CA VAL B 2 11.10 11.99 5.69
C VAL B 2 12.00 13.18 5.42
N GLN B 3 12.05 14.12 6.35
CA GLN B 3 12.79 15.36 6.19
C GLN B 3 13.96 15.40 7.16
N LEU B 4 15.16 15.60 6.63
CA LEU B 4 16.37 15.69 7.43
C LEU B 4 16.95 17.10 7.28
N VAL B 5 16.97 17.84 8.38
CA VAL B 5 17.37 19.25 8.38
C VAL B 5 18.69 19.38 9.10
N GLU B 6 19.64 20.07 8.47
CA GLU B 6 20.99 20.26 9.01
C GLU B 6 21.09 21.52 9.86
N SER B 7 22.06 21.51 10.77
CA SER B 7 22.43 22.68 11.54
C SER B 7 23.86 22.50 12.05
N GLY B 8 24.52 23.61 12.33
CA GLY B 8 25.92 23.59 12.70
C GLY B 8 26.82 23.78 11.51
N GLY B 9 28.00 23.17 11.54
CA GLY B 9 28.93 23.28 10.44
C GLY B 9 29.46 24.69 10.27
N GLY B 10 30.05 24.93 9.11
CA GLY B 10 30.59 26.23 8.77
C GLY B 10 32.09 26.17 8.73
N LEU B 11 32.72 27.30 9.09
CA LEU B 11 34.17 27.44 9.08
C LEU B 11 34.72 27.01 10.43
N VAL B 12 35.81 26.25 10.42
CA VAL B 12 36.50 25.85 11.64
C VAL B 12 37.99 25.72 11.34
N GLN B 13 38.81 26.02 12.33
CA GLN B 13 40.25 25.85 12.21
C GLN B 13 40.61 24.38 12.40
N ALA B 14 41.63 23.93 11.67
CA ALA B 14 42.11 22.56 11.80
C ALA B 14 42.52 22.30 13.24
N GLY B 15 42.05 21.18 13.81
CA GLY B 15 42.32 20.85 15.19
C GLY B 15 41.23 21.27 16.16
N GLY B 16 40.16 21.90 15.69
CA GLY B 16 39.09 22.35 16.55
C GLY B 16 38.03 21.29 16.75
N SER B 17 36.93 21.71 17.36
CA SER B 17 35.79 20.84 17.65
C SER B 17 34.53 21.39 17.01
N LEU B 18 33.73 20.48 16.44
CA LEU B 18 32.48 20.86 15.80
C LEU B 18 31.41 19.83 16.13
N ARG B 19 30.15 20.25 16.05
CA ARG B 19 29.01 19.38 16.24
C ARG B 19 28.05 19.58 15.08
N LEU B 20 27.91 18.54 14.24
CA LEU B 20 26.95 18.56 13.15
C LEU B 20 25.63 17.96 13.63
N SER B 21 24.57 18.74 13.51
CA SER B 21 23.26 18.40 14.04
C SER B 21 22.31 18.12 12.88
N CYS B 22 21.63 16.98 12.92
CA CYS B 22 20.60 16.67 11.94
C CYS B 22 19.33 16.26 12.65
N ALA B 23 18.28 17.07 12.48
CA ALA B 23 16.98 16.76 13.04
C ALA B 23 16.11 16.07 11.99
N THR B 24 15.39 15.04 12.41
CA THR B 24 14.64 14.18 11.52
C THR B 24 13.15 14.30 11.82
N SER B 25 12.37 14.65 10.78
CA SER B 25 10.92 14.64 10.83
C SER B 25 10.43 13.50 9.95
N GLY B 26 10.08 12.39 10.59
CA GLY B 26 9.58 11.23 9.87
C GLY B 26 8.49 10.52 10.66
N ARG B 27 8.31 9.23 10.38
CA ARG B 27 7.31 8.41 11.06
C ARG B 27 8.04 7.36 11.89
N THR B 28 7.93 7.48 13.22
CA THR B 28 8.63 6.58 14.12
C THR B 28 10.12 6.57 13.81
N PHE B 29 10.77 7.73 13.99
CA PHE B 29 12.17 7.86 13.64
C PHE B 29 13.06 6.89 14.41
N SER B 30 12.57 6.38 15.55
CA SER B 30 13.41 5.59 16.44
C SER B 30 13.89 4.29 15.81
N THR B 31 13.30 3.85 14.70
CA THR B 31 13.61 2.56 14.10
C THR B 31 14.42 2.66 12.82
N TYR B 32 15.29 3.67 12.71
CA TYR B 32 16.11 3.86 11.52
C TYR B 32 17.58 3.68 11.88
N ARG B 33 18.37 3.22 10.90
CA ARG B 33 19.82 3.22 11.02
C ARG B 33 20.39 4.51 10.43
N MET B 34 21.39 5.08 11.11
CA MET B 34 21.91 6.40 10.76
C MET B 34 23.26 6.28 10.05
N SER B 35 23.49 7.17 9.10
CA SER B 35 24.79 7.33 8.47
C SER B 35 25.06 8.81 8.25
N TRP B 36 26.34 9.18 8.33
CA TRP B 36 26.80 10.49 7.90
C TRP B 36 27.70 10.30 6.70
N PHE B 37 27.38 11.01 5.62
CA PHE B 37 28.10 10.92 4.36
C PHE B 37 28.65 12.30 4.02
N ARG B 38 29.64 12.33 3.13
CA ARG B 38 30.20 13.59 2.66
C ARG B 38 30.33 13.55 1.15
N GLN B 39 30.25 14.74 0.55
CA GLN B 39 30.51 14.92 -0.88
C GLN B 39 31.52 16.05 -1.04
N ALA B 40 32.60 15.76 -1.74
CA ALA B 40 33.54 16.79 -2.16
C ALA B 40 33.28 17.14 -3.62
N PRO B 41 33.28 18.44 -3.99
CA PRO B 41 32.98 18.79 -5.38
C PRO B 41 33.68 17.90 -6.40
N GLY B 42 32.90 17.38 -7.35
CA GLY B 42 33.47 16.50 -8.37
C GLY B 42 33.68 15.08 -7.90
N LYS B 43 32.89 14.62 -6.93
CA LYS B 43 32.98 13.26 -6.44
C LYS B 43 31.62 12.79 -5.99
N GLU B 44 31.46 11.48 -5.92
CA GLU B 44 30.23 10.84 -5.46
C GLU B 44 30.19 10.83 -3.94
N ARG B 45 28.98 10.94 -3.39
CA ARG B 45 28.80 10.86 -1.95
C ARG B 45 29.45 9.60 -1.41
N GLU B 46 30.24 9.75 -0.35
CA GLU B 46 31.04 8.67 0.19
C GLU B 46 30.77 8.48 1.67
N PHE B 47 31.25 7.37 2.20
CA PHE B 47 31.02 7.03 3.60
C PHE B 47 31.85 7.89 4.53
N VAL B 48 31.24 8.31 5.65
CA VAL B 48 31.94 8.95 6.75
C VAL B 48 31.75 8.18 8.05
N ALA B 49 30.50 7.91 8.41
CA ALA B 49 30.23 7.16 9.63
C ALA B 49 28.84 6.55 9.53
N THR B 50 28.57 5.59 10.42
CA THR B 50 27.25 5.00 10.52
C THR B 50 27.07 4.37 11.90
N ILE B 51 25.83 4.35 12.37
CA ILE B 51 25.45 3.64 13.59
C ILE B 51 24.18 2.84 13.32
N ILE B 52 24.19 1.59 13.73
CA ILE B 52 23.06 0.68 13.62
C ILE B 52 22.35 0.65 14.96
N TRP B 53 21.16 1.24 15.01
CA TRP B 53 20.44 1.37 16.27
C TRP B 53 20.04 0.02 16.85
N SER B 54 19.90 -1.01 16.01
CA SER B 54 19.45 -2.31 16.51
C SER B 54 20.46 -2.96 17.44
N VAL B 55 21.75 -2.86 17.12
CA VAL B 55 22.79 -3.49 17.93
C VAL B 55 23.70 -2.49 18.61
N GLY B 56 23.50 -1.19 18.39
CA GLY B 56 24.37 -0.19 18.99
C GLY B 56 25.80 -0.31 18.52
N SER B 57 25.98 -0.60 17.23
CA SER B 57 27.30 -0.73 16.63
C SER B 57 27.58 0.46 15.74
N THR B 58 28.75 1.07 15.92
CA THR B 58 29.14 2.26 15.19
C THR B 58 30.40 1.96 14.37
N HIS B 59 30.35 2.33 13.10
CA HIS B 59 31.49 2.23 12.19
C HIS B 59 31.89 3.62 11.73
N TYR B 60 33.19 3.86 11.67
CA TYR B 60 33.74 5.13 11.23
C TYR B 60 34.71 4.87 10.07
N ALA B 61 34.76 5.82 9.14
CA ALA B 61 35.76 5.75 8.08
C ALA B 61 37.16 5.74 8.71
N ASP B 62 38.04 4.91 8.16
CA ASP B 62 39.37 4.73 8.75
C ASP B 62 40.09 6.05 8.91
N SER B 63 39.84 7.00 8.01
CA SER B 63 40.49 8.31 8.09
C SER B 63 39.97 9.15 9.26
N VAL B 64 38.76 8.88 9.74
CA VAL B 64 38.15 9.65 10.82
C VAL B 64 37.80 8.77 12.02
N LYS B 65 38.23 7.51 12.02
CA LYS B 65 37.94 6.62 13.13
C LYS B 65 38.78 7.00 14.33
N GLY B 66 38.15 6.99 15.51
CA GLY B 66 38.81 7.38 16.73
C GLY B 66 38.85 8.87 17.00
N ARG B 67 38.30 9.68 16.09
CA ARG B 67 38.27 11.13 16.27
C ARG B 67 36.84 11.64 16.16
N PHE B 68 36.04 10.99 15.31
CA PHE B 68 34.64 11.32 15.14
C PHE B 68 33.80 10.44 16.05
N THR B 69 32.62 10.93 16.42
CA THR B 69 31.67 10.14 17.18
C THR B 69 30.26 10.41 16.64
N ILE B 70 29.61 9.37 16.15
CA ILE B 70 28.26 9.46 15.61
C ILE B 70 27.30 8.91 16.65
N SER B 71 26.23 9.67 16.92
CA SER B 71 25.26 9.27 17.94
C SER B 71 23.86 9.63 17.46
N ARG B 72 22.87 8.97 18.05
CA ARG B 72 21.47 9.19 17.72
C ARG B 72 20.63 9.17 18.99
N ASP B 73 19.69 10.11 19.07
CA ASP B 73 18.78 10.23 20.21
C ASP B 73 17.36 10.10 19.68
N ASN B 74 16.68 9.01 20.05
CA ASN B 74 15.31 8.79 19.62
C ASN B 74 14.34 9.74 20.29
N ALA B 75 14.61 10.11 21.55
CA ALA B 75 13.68 10.98 22.27
C ALA B 75 13.53 12.33 21.59
N LYS B 76 14.62 12.93 21.13
CA LYS B 76 14.60 14.21 20.45
C LYS B 76 14.47 14.08 18.94
N ASN B 77 14.36 12.86 18.41
CA ASN B 77 14.35 12.64 16.97
C ASN B 77 15.55 13.33 16.33
N MET B 78 16.74 12.93 16.77
CA MET B 78 17.95 13.70 16.54
C MET B 78 19.13 12.79 16.23
N VAL B 79 20.08 13.28 15.44
CA VAL B 79 21.35 12.59 15.25
C VAL B 79 22.48 13.63 15.26
N TYR B 80 23.55 13.29 15.98
CA TYR B 80 24.72 14.15 16.14
C TYR B 80 25.95 13.49 15.53
N LEU B 81 26.83 14.32 14.98
CA LEU B 81 28.19 13.93 14.62
C LEU B 81 29.14 14.90 15.33
N GLN B 82 29.81 14.42 16.37
CA GLN B 82 30.80 15.23 17.06
C GLN B 82 32.16 14.99 16.41
N MET B 83 32.71 16.04 15.81
CA MET B 83 33.99 15.99 15.12
C MET B 83 35.05 16.65 15.99
N ASN B 84 36.06 15.89 16.39
CA ASN B 84 37.13 16.38 17.24
C ASN B 84 38.43 16.40 16.45
N SER B 85 39.11 17.55 16.47
CA SER B 85 40.37 17.73 15.76
C SER B 85 40.19 17.44 14.26
N LEU B 86 39.37 18.27 13.62
CA LEU B 86 39.08 18.10 12.21
C LEU B 86 40.35 18.30 11.38
N LYS B 87 40.40 17.63 10.24
CA LYS B 87 41.52 17.74 9.31
C LYS B 87 41.06 18.40 8.01
N PRO B 88 42.00 18.90 7.20
CA PRO B 88 41.60 19.58 5.96
C PRO B 88 40.74 18.69 5.07
N GLU B 89 41.00 17.38 5.10
CA GLU B 89 40.21 16.45 4.30
C GLU B 89 38.74 16.44 4.69
N ASP B 90 38.40 16.88 5.89
CA ASP B 90 37.01 16.92 6.35
C ASP B 90 36.18 17.99 5.67
N THR B 91 36.81 18.90 4.91
CA THR B 91 36.06 19.96 4.25
C THR B 91 35.21 19.37 3.12
N ALA B 92 33.90 19.49 3.25
CA ALA B 92 32.99 18.92 2.25
C ALA B 92 31.56 19.31 2.62
N VAL B 93 30.62 18.85 1.79
CA VAL B 93 29.20 18.97 2.11
C VAL B 93 28.76 17.69 2.80
N TYR B 94 28.39 17.80 4.07
CA TYR B 94 28.02 16.66 4.89
C TYR B 94 26.51 16.48 4.89
N TYR B 95 26.06 15.26 4.59
CA TYR B 95 24.66 14.90 4.61
C TYR B 95 24.42 13.86 5.70
N CYS B 96 23.26 13.96 6.33
CA CYS B 96 22.75 12.92 7.22
C CYS B 96 21.78 12.05 6.46
N ALA B 97 22.00 10.74 6.52
CA ALA B 97 21.17 9.78 5.81
C ALA B 97 20.56 8.82 6.82
N ALA B 98 19.27 8.56 6.65
CA ALA B 98 18.56 7.59 7.47
C ALA B 98 18.06 6.47 6.57
N GLN B 99 18.50 5.25 6.86
CA GLN B 99 18.12 4.07 6.09
C GLN B 99 17.22 3.20 6.95
N ARG B 100 16.35 2.44 6.31
CA ARG B 100 15.38 1.64 7.03
C ARG B 100 16.02 0.35 7.52
N SER B 101 15.46 -0.21 8.58
CA SER B 101 16.08 -1.30 9.32
C SER B 101 14.99 -2.30 9.71
N ASP B 102 15.28 -3.13 10.71
CA ASP B 102 14.39 -4.22 11.10
C ASP B 102 14.34 -5.23 9.96
N SER B 103 15.50 -5.75 9.58
CA SER B 103 15.64 -6.59 8.41
C SER B 103 16.43 -7.84 8.76
N SER B 104 16.63 -8.69 7.75
CA SER B 104 17.50 -9.84 7.89
C SER B 104 18.92 -9.37 8.14
N SER B 105 19.32 -8.28 7.47
CA SER B 105 20.63 -7.67 7.62
C SER B 105 20.50 -6.32 8.33
N TRP B 106 21.65 -5.68 8.56
CA TRP B 106 21.69 -4.38 9.21
C TRP B 106 22.59 -3.37 8.52
N GLY B 107 23.30 -3.78 7.47
CA GLY B 107 24.27 -2.93 6.79
C GLY B 107 23.77 -2.25 5.54
N TYR B 108 22.55 -1.72 5.55
CA TYR B 108 21.96 -1.11 4.37
C TYR B 108 22.48 0.32 4.20
N GLU B 109 23.55 0.47 3.43
CA GLU B 109 23.94 1.76 2.86
C GLU B 109 23.87 1.75 1.34
N ASP B 110 23.57 0.60 0.73
CA ASP B 110 23.46 0.47 -0.71
C ASP B 110 22.03 0.67 -1.21
N ASP B 111 21.04 0.69 -0.31
CA ASP B 111 19.65 0.93 -0.68
C ASP B 111 19.38 2.41 -0.92
N TYR B 112 20.07 3.30 -0.22
CA TYR B 112 19.99 4.73 -0.49
C TYR B 112 18.55 5.22 -0.48
N ASP B 113 17.90 5.15 0.67
CA ASP B 113 16.50 5.57 0.78
C ASP B 113 16.38 7.08 0.67
N TYR B 114 16.95 7.81 1.63
CA TYR B 114 16.86 9.27 1.68
C TYR B 114 18.06 9.83 2.42
N TRP B 115 18.37 11.10 2.12
CA TRP B 115 19.43 11.83 2.81
C TRP B 115 19.04 13.29 2.92
N GLY B 116 19.70 14.02 3.82
CA GLY B 116 19.35 15.40 4.08
C GLY B 116 19.81 16.37 3.03
N GLN B 117 19.54 17.67 3.25
CA GLN B 117 19.88 18.72 2.30
C GLN B 117 21.36 19.06 2.29
N GLY B 118 22.10 18.69 3.33
CA GLY B 118 23.53 18.90 3.37
C GLY B 118 23.93 20.20 4.02
N THR B 119 25.12 20.21 4.64
CA THR B 119 25.68 21.41 5.27
C THR B 119 27.14 21.53 4.90
N GLN B 120 27.59 22.75 4.65
CA GLN B 120 28.98 22.99 4.31
C GLN B 120 29.84 22.98 5.55
N VAL B 121 30.95 22.25 5.50
CA VAL B 121 31.96 22.27 6.55
C VAL B 121 33.31 22.54 5.89
N THR B 122 34.02 23.53 6.41
CA THR B 122 35.29 23.97 5.83
C THR B 122 36.32 24.05 6.95
N VAL B 123 37.34 23.20 6.86
CA VAL B 123 38.42 23.14 7.85
C VAL B 123 39.63 23.84 7.25
N SER B 124 40.07 24.90 7.93
CA SER B 124 41.23 25.69 7.49
C SER B 124 42.48 25.18 8.19
N SER B 125 43.48 24.79 7.41
CA SER B 125 44.73 24.28 7.95
C SER B 125 45.42 25.33 8.79
N GLN C 1 -15.36 -26.39 -8.64
CA GLN C 1 -16.48 -25.47 -9.00
C GLN C 1 -17.10 -24.88 -7.74
N VAL C 2 -17.39 -23.58 -7.79
CA VAL C 2 -17.95 -22.86 -6.65
C VAL C 2 -19.38 -22.47 -6.97
N GLN C 3 -20.29 -22.79 -6.04
CA GLN C 3 -21.71 -22.51 -6.21
C GLN C 3 -22.17 -21.54 -5.14
N LEU C 4 -22.90 -20.50 -5.56
CA LEU C 4 -23.53 -19.54 -4.66
C LEU C 4 -24.99 -19.43 -5.03
N VAL C 5 -25.86 -20.05 -4.25
CA VAL C 5 -27.29 -20.14 -4.57
C VAL C 5 -28.05 -19.18 -3.66
N GLU C 6 -28.87 -18.34 -4.26
CA GLU C 6 -29.61 -17.31 -3.53
C GLU C 6 -31.07 -17.72 -3.35
N SER C 7 -31.65 -17.30 -2.23
CA SER C 7 -33.04 -17.57 -1.91
C SER C 7 -33.65 -16.31 -1.29
N GLY C 8 -34.95 -16.15 -1.51
CA GLY C 8 -35.67 -14.99 -1.03
C GLY C 8 -36.15 -14.11 -2.18
N GLY C 9 -36.26 -12.83 -1.87
CA GLY C 9 -36.62 -11.83 -2.86
C GLY C 9 -38.08 -11.91 -3.27
N GLY C 10 -38.42 -11.10 -4.28
CA GLY C 10 -39.75 -11.05 -4.84
C GLY C 10 -40.26 -9.62 -4.88
N LEU C 11 -41.58 -9.49 -5.01
CA LEU C 11 -42.26 -8.21 -5.02
C LEU C 11 -42.55 -7.79 -3.58
N VAL C 12 -42.34 -6.51 -3.26
CA VAL C 12 -42.65 -5.99 -1.94
C VAL C 12 -42.94 -4.51 -2.03
N GLN C 13 -43.78 -4.02 -1.12
CA GLN C 13 -44.05 -2.59 -1.03
C GLN C 13 -42.92 -1.89 -0.26
N PRO C 14 -42.66 -0.62 -0.56
CA PRO C 14 -41.63 0.11 0.19
C PRO C 14 -42.00 0.19 1.66
N GLY C 15 -40.97 0.11 2.50
CA GLY C 15 -41.17 0.09 3.94
C GLY C 15 -41.29 -1.29 4.55
N GLY C 16 -41.27 -2.34 3.75
CA GLY C 16 -41.40 -3.70 4.23
C GLY C 16 -40.09 -4.29 4.69
N SER C 17 -40.08 -5.62 4.88
CA SER C 17 -38.89 -6.31 5.36
C SER C 17 -38.70 -7.59 4.57
N LEU C 18 -37.46 -7.79 4.09
CA LEU C 18 -37.07 -8.98 3.36
C LEU C 18 -35.83 -9.59 4.00
N ARG C 19 -35.62 -10.87 3.72
CA ARG C 19 -34.45 -11.61 4.16
C ARG C 19 -33.89 -12.41 2.99
N LEU C 20 -32.75 -11.97 2.46
CA LEU C 20 -32.08 -12.66 1.38
C LEU C 20 -31.03 -13.60 1.94
N SER C 21 -31.04 -14.85 1.48
CA SER C 21 -30.12 -15.86 1.94
C SER C 21 -29.25 -16.32 0.77
N CYS C 22 -28.01 -16.68 1.09
CA CYS C 22 -27.08 -17.20 0.09
C CYS C 22 -26.34 -18.39 0.70
N ALA C 23 -26.49 -19.56 0.08
CA ALA C 23 -25.76 -20.75 0.48
C ALA C 23 -24.57 -20.94 -0.43
N ALA C 24 -23.40 -21.19 0.15
CA ALA C 24 -22.15 -21.31 -0.57
C ALA C 24 -21.63 -22.74 -0.49
N SER C 25 -21.15 -23.24 -1.62
CA SER C 25 -20.61 -24.59 -1.70
C SER C 25 -19.43 -24.59 -2.65
N GLY C 26 -18.59 -25.61 -2.52
CA GLY C 26 -17.40 -25.73 -3.35
C GLY C 26 -16.19 -25.01 -2.82
N PHE C 27 -16.31 -24.29 -1.71
CA PHE C 27 -15.18 -23.61 -1.10
C PHE C 27 -15.49 -23.37 0.36
N THR C 28 -14.46 -23.03 1.13
CA THR C 28 -14.60 -22.76 2.56
C THR C 28 -15.22 -21.37 2.72
N PHE C 29 -16.45 -21.35 3.24
CA PHE C 29 -17.18 -20.09 3.38
C PHE C 29 -16.47 -19.14 4.34
N ASN C 30 -15.98 -19.67 5.46
CA ASN C 30 -15.45 -18.85 6.54
C ASN C 30 -14.09 -18.24 6.23
N ARG C 31 -13.45 -18.62 5.12
CA ARG C 31 -12.12 -18.12 4.80
C ARG C 31 -12.15 -16.86 3.95
N TYR C 32 -13.30 -16.46 3.41
CA TYR C 32 -13.40 -15.34 2.49
C TYR C 32 -14.41 -14.32 3.00
N ALA C 33 -14.05 -13.04 2.91
CA ALA C 33 -15.01 -11.98 3.11
C ALA C 33 -16.00 -11.96 1.94
N MET C 34 -17.28 -11.82 2.27
CA MET C 34 -18.34 -11.94 1.27
C MET C 34 -19.02 -10.60 1.06
N SER C 35 -19.67 -10.44 -0.10
CA SER C 35 -20.33 -9.19 -0.42
C SER C 35 -21.71 -9.46 -1.00
N TRP C 36 -22.58 -8.46 -0.89
CA TRP C 36 -23.85 -8.41 -1.59
C TRP C 36 -23.79 -7.31 -2.64
N VAL C 37 -24.15 -7.64 -3.87
CA VAL C 37 -24.18 -6.69 -4.97
C VAL C 37 -25.58 -6.72 -5.58
N ARG C 38 -25.99 -5.59 -6.16
CA ARG C 38 -27.26 -5.51 -6.87
C ARG C 38 -27.05 -4.91 -8.25
N GLN C 39 -27.71 -5.52 -9.23
CA GLN C 39 -27.68 -5.05 -10.62
C GLN C 39 -29.09 -4.59 -10.97
N ALA C 40 -29.29 -3.28 -11.03
CA ALA C 40 -30.61 -2.75 -11.36
C ALA C 40 -30.86 -2.86 -12.86
N PRO C 41 -32.12 -2.99 -13.27
CA PRO C 41 -32.41 -3.06 -14.71
C PRO C 41 -32.04 -1.76 -15.40
N GLY C 42 -31.05 -1.84 -16.29
CA GLY C 42 -30.59 -0.67 -17.02
C GLY C 42 -29.54 0.15 -16.31
N LYS C 43 -28.82 -0.41 -15.34
CA LYS C 43 -27.79 0.31 -14.63
C LYS C 43 -26.65 -0.64 -14.30
N GLY C 44 -25.52 -0.07 -13.91
CA GLY C 44 -24.35 -0.85 -13.56
C GLY C 44 -24.47 -1.48 -12.19
N ARG C 45 -23.47 -2.29 -11.84
CA ARG C 45 -23.46 -2.98 -10.57
C ARG C 45 -23.19 -2.02 -9.43
N GLU C 46 -23.89 -2.20 -8.31
CA GLU C 46 -23.69 -1.41 -7.11
C GLU C 46 -23.45 -2.34 -5.93
N TRP C 47 -22.42 -2.07 -5.15
CA TRP C 47 -22.12 -2.88 -3.99
C TRP C 47 -23.03 -2.48 -2.83
N VAL C 48 -23.68 -3.48 -2.23
CA VAL C 48 -24.64 -3.24 -1.17
C VAL C 48 -23.99 -3.25 0.21
N SER C 49 -23.41 -4.39 0.59
CA SER C 49 -22.80 -4.52 1.91
C SER C 49 -21.69 -5.56 1.83
N GLY C 50 -20.81 -5.51 2.81
CA GLY C 50 -19.70 -6.45 2.87
C GLY C 50 -19.49 -6.91 4.30
N ILE C 51 -19.14 -8.20 4.43
CA ILE C 51 -18.93 -8.81 5.73
C ILE C 51 -17.60 -9.55 5.70
N TYR C 52 -16.81 -9.40 6.77
CA TYR C 52 -15.51 -10.04 6.87
C TYR C 52 -15.65 -11.56 6.90
N SER C 53 -14.52 -12.26 6.86
CA SER C 53 -14.56 -13.72 6.76
C SER C 53 -15.24 -14.34 7.99
N ASP C 54 -14.92 -13.85 9.19
CA ASP C 54 -15.50 -14.37 10.41
C ASP C 54 -16.72 -13.57 10.87
N GLY C 55 -17.12 -12.55 10.13
CA GLY C 55 -18.24 -11.72 10.51
C GLY C 55 -17.96 -10.73 11.63
N SER C 56 -16.69 -10.46 11.93
CA SER C 56 -16.36 -9.54 13.01
C SER C 56 -16.83 -8.12 12.73
N GLU C 57 -16.77 -7.69 11.48
CA GLU C 57 -17.15 -6.33 11.11
C GLU C 57 -18.00 -6.36 9.85
N THR C 58 -18.83 -5.34 9.70
CA THR C 58 -19.70 -5.20 8.54
C THR C 58 -19.61 -3.77 8.02
N TYR C 59 -19.78 -3.63 6.71
CA TYR C 59 -19.75 -2.32 6.06
C TYR C 59 -20.92 -2.20 5.09
N TYR C 60 -21.45 -0.98 4.99
CA TYR C 60 -22.62 -0.71 4.17
C TYR C 60 -22.36 0.47 3.26
N THR C 61 -23.08 0.52 2.15
CA THR C 61 -23.06 1.69 1.27
C THR C 61 -24.05 2.73 1.77
N GLU C 62 -23.74 4.00 1.49
CA GLU C 62 -24.56 5.09 2.02
C GLU C 62 -26.02 4.94 1.61
N SER C 63 -26.29 4.38 0.43
CA SER C 63 -27.66 4.24 -0.04
C SER C 63 -28.46 3.25 0.80
N VAL C 64 -27.81 2.38 1.58
CA VAL C 64 -28.49 1.36 2.35
C VAL C 64 -28.01 1.38 3.80
N LYS C 65 -27.16 2.36 4.14
CA LYS C 65 -26.58 2.41 5.47
C LYS C 65 -27.66 2.67 6.52
N GLY C 66 -27.54 1.94 7.64
CA GLY C 66 -28.40 2.19 8.78
C GLY C 66 -29.72 1.46 8.80
N ARG C 67 -30.05 0.72 7.73
CA ARG C 67 -31.32 0.03 7.67
C ARG C 67 -31.17 -1.40 7.15
N PHE C 68 -30.02 -1.72 6.56
CA PHE C 68 -29.73 -3.07 6.08
C PHE C 68 -28.67 -3.71 6.97
N THR C 69 -28.84 -5.00 7.24
CA THR C 69 -27.94 -5.73 8.13
C THR C 69 -27.39 -6.95 7.42
N ILE C 70 -26.08 -7.04 7.35
CA ILE C 70 -25.41 -8.20 6.77
C ILE C 70 -24.86 -9.07 7.89
N SER C 71 -25.14 -10.37 7.83
CA SER C 71 -24.68 -11.30 8.85
C SER C 71 -24.34 -12.62 8.17
N ARG C 72 -23.65 -13.50 8.90
CA ARG C 72 -23.31 -14.80 8.34
C ARG C 72 -23.25 -15.84 9.45
N ASP C 73 -23.47 -17.09 9.03
CA ASP C 73 -23.32 -18.27 9.88
C ASP C 73 -22.25 -19.14 9.23
N ASN C 74 -21.04 -19.11 9.79
CA ASN C 74 -19.93 -19.87 9.20
C ASN C 74 -20.17 -21.37 9.34
N ALA C 75 -20.79 -21.80 10.43
CA ALA C 75 -21.03 -23.23 10.62
C ALA C 75 -21.91 -23.80 9.51
N LYS C 76 -22.95 -23.06 9.13
CA LYS C 76 -23.85 -23.48 8.06
C LYS C 76 -23.41 -22.97 6.70
N ASN C 77 -22.30 -22.22 6.62
CA ASN C 77 -21.84 -21.64 5.36
C ASN C 77 -22.97 -20.83 4.71
N MET C 78 -23.54 -19.91 5.49
CA MET C 78 -24.76 -19.22 5.09
C MET C 78 -24.52 -17.72 5.22
N LEU C 79 -24.98 -16.96 4.24
CA LEU C 79 -24.90 -15.50 4.26
C LEU C 79 -26.31 -14.94 4.27
N TYR C 80 -26.56 -13.93 5.12
CA TYR C 80 -27.87 -13.33 5.27
C TYR C 80 -27.80 -11.82 5.12
N LEU C 81 -28.80 -11.28 4.43
CA LEU C 81 -28.99 -9.84 4.29
C LEU C 81 -30.42 -9.52 4.70
N GLN C 82 -30.57 -8.79 5.80
CA GLN C 82 -31.88 -8.38 6.29
C GLN C 82 -32.13 -6.95 5.81
N MET C 83 -33.19 -6.77 5.03
CA MET C 83 -33.50 -5.51 4.36
C MET C 83 -34.76 -4.94 4.99
N ASN C 84 -34.70 -3.68 5.41
CA ASN C 84 -35.83 -3.04 6.08
C ASN C 84 -35.95 -1.61 5.60
N SER C 85 -37.18 -1.08 5.67
CA SER C 85 -37.48 0.29 5.26
C SER C 85 -36.95 0.56 3.85
N LEU C 86 -37.33 -0.31 2.92
CA LEU C 86 -36.80 -0.23 1.57
C LEU C 86 -37.39 0.95 0.81
N LYS C 87 -36.63 1.43 -0.18
CA LYS C 87 -37.09 2.42 -1.14
C LYS C 87 -37.28 1.76 -2.49
N PRO C 88 -38.11 2.33 -3.37
CA PRO C 88 -38.37 1.67 -4.67
C PRO C 88 -37.13 1.52 -5.52
N GLU C 89 -36.10 2.34 -5.25
CA GLU C 89 -34.87 2.29 -6.03
C GLU C 89 -34.06 1.03 -5.78
N ASP C 90 -34.42 0.23 -4.78
CA ASP C 90 -33.67 -0.98 -4.47
C ASP C 90 -33.95 -2.12 -5.44
N THR C 91 -34.91 -1.96 -6.34
CA THR C 91 -35.19 -2.99 -7.34
C THR C 91 -33.93 -3.37 -8.11
N ALA C 92 -33.64 -4.67 -8.12
CA ALA C 92 -32.46 -5.16 -8.83
C ALA C 92 -32.40 -6.68 -8.70
N LEU C 93 -31.52 -7.28 -9.52
CA LEU C 93 -31.12 -8.65 -9.34
C LEU C 93 -29.94 -8.69 -8.38
N TYR C 94 -30.10 -9.39 -7.25
CA TYR C 94 -29.14 -9.39 -6.17
C TYR C 94 -28.27 -10.63 -6.27
N TYR C 95 -26.95 -10.43 -6.19
CA TYR C 95 -25.97 -11.50 -6.19
C TYR C 95 -25.23 -11.49 -4.86
N CYS C 96 -24.89 -12.67 -4.37
CA CYS C 96 -23.91 -12.83 -3.31
C CYS C 96 -22.57 -13.19 -3.95
N ALA C 97 -21.56 -12.38 -3.67
CA ALA C 97 -20.29 -12.44 -4.40
C ALA C 97 -19.17 -12.85 -3.46
N LYS C 98 -18.36 -13.80 -3.95
CA LYS C 98 -17.19 -14.27 -3.23
C LYS C 98 -15.98 -13.42 -3.63
N ASP C 99 -15.01 -13.32 -2.72
CA ASP C 99 -13.86 -12.48 -2.95
C ASP C 99 -12.75 -13.26 -3.64
N GLU C 100 -11.92 -12.54 -4.41
CA GLU C 100 -10.79 -13.14 -5.10
C GLU C 100 -9.82 -13.75 -4.09
N ASN C 101 -9.25 -12.91 -3.23
CA ASN C 101 -8.39 -13.39 -2.17
C ASN C 101 -9.22 -13.69 -0.92
N ALA C 102 -8.53 -14.15 0.13
CA ALA C 102 -9.21 -14.67 1.29
C ALA C 102 -8.81 -13.91 2.56
N HIS C 103 -9.26 -14.44 3.70
CA HIS C 103 -8.80 -14.02 5.02
C HIS C 103 -9.14 -12.58 5.38
N GLU C 104 -10.44 -12.27 5.43
CA GLU C 104 -10.99 -11.29 6.36
C GLU C 104 -10.83 -9.82 5.97
N ASP C 105 -10.34 -9.51 4.77
CA ASP C 105 -10.27 -8.11 4.40
C ASP C 105 -10.10 -7.89 2.91
N TYR C 106 -11.05 -7.20 2.28
CA TYR C 106 -10.87 -6.71 0.93
C TYR C 106 -11.52 -5.34 0.76
N PHE C 107 -11.88 -4.68 1.87
CA PHE C 107 -12.54 -3.39 1.78
C PHE C 107 -12.43 -2.61 3.09
N ASN C 108 -11.92 -1.38 3.01
CA ASN C 108 -11.92 -0.46 4.15
C ASN C 108 -12.56 0.86 3.73
N SER C 109 -12.37 1.24 2.47
CA SER C 109 -12.98 2.43 1.91
C SER C 109 -12.74 2.48 0.41
N GLY C 110 -13.71 3.01 -0.34
CA GLY C 110 -13.58 3.02 -1.79
C GLY C 110 -13.26 1.64 -2.32
N PHE C 111 -12.08 1.51 -2.91
CA PHE C 111 -11.62 0.25 -3.49
C PHE C 111 -12.56 -0.24 -4.59
N ASP C 112 -12.15 -1.29 -5.27
CA ASP C 112 -12.95 -1.93 -6.33
C ASP C 112 -12.90 -3.43 -6.12
N ARG C 113 -13.98 -3.99 -5.58
CA ARG C 113 -13.99 -5.38 -5.18
C ARG C 113 -14.00 -6.31 -6.38
N LYS C 114 -12.86 -6.91 -6.67
CA LYS C 114 -12.78 -7.94 -7.70
C LYS C 114 -13.36 -9.24 -7.18
N TYR C 115 -14.53 -9.61 -7.70
CA TYR C 115 -15.23 -10.82 -7.27
C TYR C 115 -14.88 -11.96 -8.21
N ASP C 116 -14.25 -13.00 -7.68
CA ASP C 116 -13.87 -14.16 -8.47
C ASP C 116 -15.02 -15.12 -8.71
N TYR C 117 -16.11 -15.01 -7.96
CA TYR C 117 -17.24 -15.91 -8.15
C TYR C 117 -18.55 -15.20 -7.83
N TRP C 118 -19.50 -15.33 -8.75
CA TRP C 118 -20.84 -14.79 -8.62
C TRP C 118 -21.83 -15.93 -8.57
N GLY C 119 -22.98 -15.67 -7.96
CA GLY C 119 -24.09 -16.61 -7.98
C GLY C 119 -25.03 -16.33 -9.14
N GLN C 120 -26.13 -17.09 -9.15
CA GLN C 120 -27.18 -16.90 -10.15
C GLN C 120 -28.03 -15.67 -9.85
N GLY C 121 -28.26 -15.37 -8.59
CA GLY C 121 -28.93 -14.14 -8.20
C GLY C 121 -30.42 -14.36 -7.97
N THR C 122 -31.03 -13.41 -7.26
CA THR C 122 -32.46 -13.43 -6.97
C THR C 122 -33.03 -12.05 -7.24
N GLN C 123 -34.23 -12.01 -7.82
CA GLN C 123 -34.86 -10.74 -8.15
C GLN C 123 -35.54 -10.13 -6.94
N VAL C 124 -35.25 -8.86 -6.67
CA VAL C 124 -35.89 -8.12 -5.58
C VAL C 124 -36.50 -6.87 -6.21
N THR C 125 -37.77 -6.60 -5.90
CA THR C 125 -38.48 -5.48 -6.48
C THR C 125 -39.27 -4.77 -5.38
N VAL C 126 -39.11 -3.44 -5.33
CA VAL C 126 -39.80 -2.59 -4.38
C VAL C 126 -40.61 -1.59 -5.19
N SER C 127 -41.93 -1.75 -5.18
CA SER C 127 -42.82 -0.86 -5.93
C SER C 127 -44.16 -0.76 -5.20
N SER C 128 -44.70 0.45 -5.17
CA SER C 128 -45.98 0.70 -4.52
C SER C 128 -47.14 0.26 -5.40
N GLN D 1 10.96 -16.70 35.69
CA GLN D 1 9.49 -16.84 35.53
C GLN D 1 8.76 -16.05 36.61
N VAL D 2 7.44 -16.08 36.57
CA VAL D 2 6.60 -15.40 37.56
C VAL D 2 5.58 -16.39 38.11
N GLN D 3 5.22 -16.20 39.37
CA GLN D 3 4.19 -16.98 40.03
C GLN D 3 3.00 -16.08 40.31
N LEU D 4 1.83 -16.47 39.80
CA LEU D 4 0.61 -15.69 39.93
C LEU D 4 -0.35 -16.46 40.82
N VAL D 5 -0.85 -15.79 41.86
CA VAL D 5 -1.77 -16.40 42.82
C VAL D 5 -3.08 -15.61 42.77
N GLU D 6 -4.19 -16.33 42.63
CA GLU D 6 -5.51 -15.73 42.61
C GLU D 6 -6.19 -15.91 43.96
N SER D 7 -6.80 -14.84 44.45
CA SER D 7 -7.57 -14.88 45.68
C SER D 7 -8.92 -14.21 45.45
N GLY D 8 -9.91 -14.68 46.20
CA GLY D 8 -11.28 -14.24 46.00
C GLY D 8 -12.13 -15.33 45.39
N GLY D 9 -13.14 -14.94 44.61
CA GLY D 9 -13.99 -15.91 43.96
C GLY D 9 -14.92 -16.59 44.93
N GLY D 10 -15.50 -17.70 44.46
CA GLY D 10 -16.43 -18.50 45.23
C GLY D 10 -17.83 -18.38 44.68
N LEU D 11 -18.81 -18.55 45.56
CA LEU D 11 -20.21 -18.48 45.18
C LEU D 11 -20.73 -17.07 45.45
N VAL D 12 -21.35 -16.47 44.44
CA VAL D 12 -21.91 -15.13 44.56
C VAL D 12 -23.28 -15.10 43.87
N GLN D 13 -24.11 -14.15 44.28
CA GLN D 13 -25.43 -13.97 43.67
C GLN D 13 -25.31 -13.32 42.30
N ALA D 14 -26.35 -13.49 41.50
CA ALA D 14 -26.45 -12.80 40.22
C ALA D 14 -26.74 -11.33 40.47
N GLY D 15 -25.93 -10.46 39.88
CA GLY D 15 -26.00 -9.04 40.18
C GLY D 15 -25.23 -8.61 41.39
N GLY D 16 -24.52 -9.53 42.05
CA GLY D 16 -23.71 -9.23 43.21
C GLY D 16 -22.38 -8.60 42.84
N SER D 17 -21.47 -8.60 43.82
CA SER D 17 -20.16 -7.99 43.63
C SER D 17 -19.09 -8.88 44.23
N LEU D 18 -17.99 -9.03 43.49
CA LEU D 18 -16.79 -9.71 43.98
C LEU D 18 -15.57 -8.96 43.49
N ARG D 19 -14.42 -9.28 44.08
CA ARG D 19 -13.15 -8.74 43.63
C ARG D 19 -12.12 -9.87 43.60
N LEU D 20 -11.60 -10.14 42.40
CA LEU D 20 -10.55 -11.13 42.22
C LEU D 20 -9.19 -10.44 42.25
N SER D 21 -8.30 -10.94 43.09
CA SER D 21 -6.98 -10.35 43.27
C SER D 21 -5.92 -11.30 42.73
N CYS D 22 -5.12 -10.80 41.79
CA CYS D 22 -4.00 -11.55 41.24
C CYS D 22 -2.71 -10.93 41.76
N ALA D 23 -1.96 -11.69 42.54
CA ALA D 23 -0.69 -11.23 43.07
C ALA D 23 0.45 -11.96 42.37
N ALA D 24 1.47 -11.21 41.98
CA ALA D 24 2.59 -11.73 41.20
C ALA D 24 3.86 -11.71 42.04
N SER D 25 4.66 -12.76 41.91
CA SER D 25 5.95 -12.85 42.57
C SER D 25 7.00 -13.32 41.56
N GLY D 26 8.24 -12.95 41.81
CA GLY D 26 9.33 -13.27 40.90
C GLY D 26 9.91 -12.04 40.23
N ARG D 27 10.02 -12.07 38.91
CA ARG D 27 10.53 -10.91 38.18
C ARG D 27 9.59 -9.73 38.35
N THR D 28 10.10 -8.53 38.04
CA THR D 28 9.36 -7.31 38.31
C THR D 28 7.95 -7.37 37.71
N PHE D 29 6.95 -7.22 38.58
CA PHE D 29 5.56 -7.24 38.13
C PHE D 29 5.20 -5.97 37.38
N SER D 30 5.78 -4.84 37.77
CA SER D 30 5.37 -3.54 37.23
C SER D 30 5.72 -3.36 35.77
N THR D 31 6.60 -4.20 35.20
CA THR D 31 7.05 -4.04 33.83
C THR D 31 6.25 -4.87 32.84
N TYR D 32 5.19 -5.56 33.27
CA TYR D 32 4.39 -6.42 32.43
C TYR D 32 2.99 -5.86 32.29
N ALA D 33 2.37 -6.08 31.13
CA ALA D 33 0.94 -5.88 30.97
C ALA D 33 0.21 -7.13 31.44
N MET D 34 -0.99 -6.95 32.00
CA MET D 34 -1.73 -8.04 32.61
C MET D 34 -3.13 -8.13 32.03
N ALA D 35 -3.75 -9.31 32.20
CA ALA D 35 -5.11 -9.49 31.75
C ALA D 35 -5.79 -10.59 32.55
N TRP D 36 -7.12 -10.56 32.52
CA TRP D 36 -7.96 -11.62 33.05
C TRP D 36 -8.68 -12.32 31.90
N PHE D 37 -8.68 -13.65 31.96
CA PHE D 37 -9.41 -14.51 31.04
C PHE D 37 -10.36 -15.38 31.85
N ARG D 38 -11.45 -15.82 31.22
CA ARG D 38 -12.33 -16.81 31.81
C ARG D 38 -12.30 -18.09 31.00
N GLN D 39 -12.45 -19.22 31.69
CA GLN D 39 -12.60 -20.51 31.03
C GLN D 39 -13.57 -21.33 31.88
N ALA D 40 -14.77 -21.54 31.35
CA ALA D 40 -15.72 -22.44 32.00
C ALA D 40 -15.58 -23.84 31.42
N PRO D 41 -16.07 -24.86 32.13
CA PRO D 41 -16.02 -26.22 31.59
C PRO D 41 -16.70 -26.38 30.24
N GLY D 42 -17.46 -25.39 29.78
CA GLY D 42 -18.14 -25.47 28.50
C GLY D 42 -17.65 -24.47 27.47
N LYS D 43 -16.63 -23.68 27.81
CA LYS D 43 -16.09 -22.70 26.89
C LYS D 43 -14.57 -22.67 26.99
N GLU D 44 -13.93 -22.19 25.93
CA GLU D 44 -12.49 -22.08 25.83
C GLU D 44 -12.05 -20.68 26.27
N ARG D 45 -10.75 -20.53 26.50
CA ARG D 45 -10.19 -19.26 26.97
C ARG D 45 -10.71 -18.07 26.17
N GLU D 46 -11.40 -17.15 26.84
CA GLU D 46 -11.81 -15.88 26.24
C GLU D 46 -11.22 -14.73 27.04
N PHE D 47 -10.88 -13.65 26.32
CA PHE D 47 -10.35 -12.46 26.95
C PHE D 47 -11.43 -11.72 27.73
N VAL D 48 -11.22 -11.55 29.03
CA VAL D 48 -12.10 -10.78 29.90
C VAL D 48 -11.69 -9.32 29.93
N ALA D 49 -10.48 -9.03 30.42
CA ALA D 49 -10.06 -7.64 30.55
C ALA D 49 -8.54 -7.58 30.46
N GLY D 50 -8.03 -6.36 30.22
CA GLY D 50 -6.61 -6.16 30.09
C GLY D 50 -6.22 -4.76 30.53
N VAL D 51 -5.11 -4.71 31.26
CA VAL D 51 -4.51 -3.46 31.71
C VAL D 51 -3.07 -3.43 31.20
N ALA D 52 -2.69 -2.32 30.56
CA ALA D 52 -1.39 -2.22 29.94
C ALA D 52 -0.28 -2.21 31.00
N ARG D 53 0.96 -2.35 30.52
CA ARG D 53 2.11 -2.32 31.41
C ARG D 53 2.30 -0.97 32.10
N SER D 54 1.74 0.10 31.54
CA SER D 54 1.82 1.43 32.13
C SER D 54 0.55 1.81 32.88
N ALA D 55 -0.48 0.97 32.82
CA ALA D 55 -1.73 1.20 33.53
C ALA D 55 -2.32 2.58 33.19
N ASP D 56 -2.38 2.84 31.88
CA ASP D 56 -2.99 4.06 31.37
C ASP D 56 -4.06 3.79 30.31
N THR D 57 -4.26 2.52 29.94
CA THR D 57 -5.29 2.15 28.99
C THR D 57 -5.83 0.78 29.38
N THR D 58 -7.16 0.65 29.34
CA THR D 58 -7.82 -0.59 29.73
C THR D 58 -8.67 -1.08 28.56
N TYR D 59 -8.69 -2.40 28.39
CA TYR D 59 -9.45 -3.05 27.33
C TYR D 59 -10.42 -4.05 27.97
N TYR D 60 -11.64 -4.08 27.43
CA TYR D 60 -12.70 -4.91 27.98
C TYR D 60 -13.30 -5.76 26.87
N GLY D 61 -13.70 -6.98 27.23
CA GLY D 61 -14.42 -7.82 26.28
C GLY D 61 -15.80 -7.27 25.99
N ASP D 62 -16.32 -7.65 24.82
CA ASP D 62 -17.63 -7.16 24.41
C ASP D 62 -18.72 -7.60 25.38
N SER D 63 -18.59 -8.80 25.95
CA SER D 63 -19.61 -9.33 26.84
C SER D 63 -19.58 -8.67 28.23
N VAL D 64 -18.46 -8.08 28.63
CA VAL D 64 -18.31 -7.49 29.95
C VAL D 64 -17.94 -6.02 29.90
N LYS D 65 -18.03 -5.38 28.74
CA LYS D 65 -17.68 -3.97 28.65
C LYS D 65 -18.63 -3.13 29.48
N GLY D 66 -18.06 -2.20 30.26
CA GLY D 66 -18.88 -1.30 31.06
C GLY D 66 -19.48 -1.95 32.28
N ARG D 67 -19.08 -3.19 32.60
CA ARG D 67 -19.62 -3.91 33.74
C ARG D 67 -18.53 -4.37 34.70
N PHE D 68 -17.38 -4.80 34.19
CA PHE D 68 -16.26 -5.23 35.01
C PHE D 68 -15.21 -4.12 35.05
N THR D 69 -14.48 -4.03 36.15
CA THR D 69 -13.47 -2.99 36.33
C THR D 69 -12.13 -3.63 36.63
N ILE D 70 -11.17 -3.43 35.74
CA ILE D 70 -9.81 -3.97 35.90
C ILE D 70 -8.88 -2.83 36.27
N SER D 71 -8.13 -3.01 37.36
CA SER D 71 -7.20 -2.00 37.85
C SER D 71 -5.90 -2.66 38.26
N ARG D 72 -4.84 -1.86 38.32
CA ARG D 72 -3.51 -2.34 38.70
C ARG D 72 -2.99 -1.50 39.86
N ASP D 73 -2.34 -2.16 40.81
CA ASP D 73 -1.67 -1.50 41.92
C ASP D 73 -0.23 -1.99 41.94
N ASN D 74 0.68 -1.19 41.38
CA ASN D 74 2.09 -1.57 41.33
C ASN D 74 2.72 -1.56 42.71
N ALA D 75 2.34 -0.62 43.57
CA ALA D 75 2.88 -0.58 44.92
C ALA D 75 2.57 -1.85 45.69
N LYS D 76 1.34 -2.36 45.55
CA LYS D 76 0.95 -3.63 46.15
C LYS D 76 1.29 -4.83 45.28
N ASN D 77 1.79 -4.61 44.06
CA ASN D 77 2.14 -5.69 43.16
C ASN D 77 0.93 -6.60 42.95
N GLU D 78 -0.14 -6.02 42.39
CA GLU D 78 -1.42 -6.71 42.31
C GLU D 78 -2.23 -6.18 41.14
N VAL D 79 -3.12 -7.04 40.64
CA VAL D 79 -4.12 -6.66 39.65
C VAL D 79 -5.48 -7.05 40.22
N ASN D 80 -6.42 -6.11 40.23
CA ASN D 80 -7.74 -6.31 40.81
C ASN D 80 -8.80 -6.29 39.72
N LEU D 81 -9.67 -7.29 39.74
CA LEU D 81 -10.82 -7.38 38.84
C LEU D 81 -12.07 -7.30 39.70
N GLN D 82 -12.70 -6.12 39.70
CA GLN D 82 -13.98 -5.94 40.36
C GLN D 82 -15.09 -6.40 39.43
N MET D 83 -15.75 -7.49 39.79
CA MET D 83 -16.81 -8.10 39.01
C MET D 83 -18.14 -7.71 39.63
N SER D 84 -19.02 -7.12 38.81
CA SER D 84 -20.33 -6.68 39.29
C SER D 84 -21.33 -6.85 38.16
N SER D 85 -22.61 -6.85 38.53
CA SER D 85 -23.68 -7.08 37.56
C SER D 85 -23.50 -8.45 36.91
N LEU D 86 -23.40 -9.48 37.74
CA LEU D 86 -23.07 -10.82 37.28
C LEU D 86 -24.33 -11.56 36.82
N LYS D 87 -24.10 -12.62 36.05
CA LYS D 87 -25.16 -13.50 35.59
C LYS D 87 -24.65 -14.94 35.67
N PRO D 88 -25.56 -15.92 35.67
CA PRO D 88 -25.13 -17.32 35.81
C PRO D 88 -24.14 -17.75 34.74
N GLU D 89 -24.24 -17.15 33.55
CA GLU D 89 -23.34 -17.49 32.45
C GLU D 89 -21.90 -17.08 32.72
N ASP D 90 -21.65 -16.28 33.75
CA ASP D 90 -20.30 -15.85 34.09
C ASP D 90 -19.53 -16.90 34.88
N THR D 91 -20.16 -18.00 35.26
CA THR D 91 -19.48 -19.04 36.02
C THR D 91 -18.30 -19.57 35.22
N ALA D 92 -17.12 -19.62 35.85
CA ALA D 92 -15.93 -20.10 35.16
C ALA D 92 -14.75 -20.08 36.12
N VAL D 93 -13.66 -20.70 35.70
CA VAL D 93 -12.36 -20.49 36.33
C VAL D 93 -11.70 -19.28 35.69
N TYR D 94 -11.39 -18.29 36.50
CA TYR D 94 -10.78 -17.05 36.03
C TYR D 94 -9.27 -17.12 36.23
N TYR D 95 -8.53 -16.83 35.18
CA TYR D 95 -7.07 -16.84 35.18
C TYR D 95 -6.55 -15.44 34.97
N CYS D 96 -5.49 -15.09 35.68
CA CYS D 96 -4.77 -13.85 35.44
C CYS D 96 -3.44 -14.17 34.77
N ALA D 97 -3.16 -13.47 33.67
CA ALA D 97 -2.01 -13.76 32.85
C ALA D 97 -1.19 -12.50 32.66
N ALA D 98 0.13 -12.69 32.65
CA ALA D 98 1.09 -11.61 32.49
C ALA D 98 1.87 -11.82 31.20
N ARG D 99 2.01 -10.75 30.42
CA ARG D 99 2.67 -10.80 29.11
C ARG D 99 4.12 -10.35 29.28
N SER D 100 5.05 -11.20 28.85
CA SER D 100 6.46 -10.95 29.06
C SER D 100 6.90 -9.74 28.24
N VAL D 101 7.58 -8.80 28.88
CA VAL D 101 8.20 -7.67 28.20
C VAL D 101 9.72 -7.80 28.13
N ILE D 102 10.34 -8.54 29.05
CA ILE D 102 11.78 -8.73 29.02
C ILE D 102 12.21 -9.58 27.83
N GLN D 103 11.41 -10.58 27.47
CA GLN D 103 11.78 -11.55 26.44
C GLN D 103 11.39 -11.11 25.04
N TYR D 104 10.24 -10.45 24.87
CA TYR D 104 9.75 -10.13 23.53
C TYR D 104 9.35 -8.66 23.41
N GLY D 105 9.03 -8.02 24.53
CA GLY D 105 8.66 -6.62 24.51
C GLY D 105 7.23 -6.37 24.06
N ILE D 106 6.67 -5.23 24.44
CA ILE D 106 5.31 -4.86 24.07
C ILE D 106 5.21 -3.34 24.02
N VAL D 107 4.18 -2.86 23.32
CA VAL D 107 3.85 -1.43 23.27
C VAL D 107 2.32 -1.32 23.29
N PRO D 108 1.71 -0.85 24.37
CA PRO D 108 0.25 -0.98 24.50
C PRO D 108 -0.51 0.07 23.69
N GLY D 109 -1.03 -0.36 22.53
CA GLY D 109 -2.23 0.25 22.00
C GLY D 109 -3.30 -0.81 21.86
N ASN D 110 -2.89 -2.00 21.45
CA ASN D 110 -3.60 -3.24 21.72
C ASN D 110 -2.66 -4.38 21.36
N ASP D 111 -2.22 -5.14 22.35
CA ASP D 111 -1.24 -6.20 22.15
C ASP D 111 -1.53 -7.37 23.07
N PHE D 112 -0.54 -8.24 23.24
CA PHE D 112 -0.46 -9.21 24.34
C PHE D 112 -1.11 -10.55 23.98
N HIS D 113 -0.28 -11.59 23.91
CA HIS D 113 -0.72 -12.99 24.02
C HIS D 113 0.02 -13.52 25.24
N TYR D 114 -0.64 -13.46 26.39
CA TYR D 114 0.01 -13.64 27.67
C TYR D 114 0.60 -15.04 27.77
N GLU D 115 1.89 -15.13 28.08
CA GLU D 115 2.61 -16.40 28.08
C GLU D 115 2.67 -17.06 29.46
N TYR D 116 2.29 -16.37 30.52
CA TYR D 116 2.30 -16.92 31.86
C TYR D 116 0.87 -16.90 32.39
N TRP D 117 0.42 -18.03 32.92
CA TRP D 117 -0.95 -18.19 33.36
C TRP D 117 -0.98 -18.63 34.82
N GLY D 118 -1.91 -18.05 35.58
CA GLY D 118 -2.00 -18.34 37.01
C GLY D 118 -2.71 -19.64 37.31
N GLN D 119 -2.85 -19.95 38.60
CA GLN D 119 -3.51 -21.19 39.00
C GLN D 119 -4.99 -21.19 38.65
N GLY D 120 -5.66 -20.04 38.72
CA GLY D 120 -7.07 -19.96 38.42
C GLY D 120 -7.93 -19.98 39.66
N THR D 121 -9.05 -19.26 39.63
CA THR D 121 -9.98 -19.21 40.76
C THR D 121 -11.39 -19.47 40.28
N GLN D 122 -12.12 -20.31 41.00
CA GLN D 122 -13.48 -20.68 40.63
C GLN D 122 -14.44 -19.56 41.01
N VAL D 123 -15.30 -19.18 40.07
CA VAL D 123 -16.34 -18.18 40.30
C VAL D 123 -17.67 -18.79 39.85
N THR D 124 -18.63 -18.84 40.76
CA THR D 124 -19.95 -19.42 40.49
C THR D 124 -21.02 -18.39 40.85
N VAL D 125 -21.69 -17.87 39.83
CA VAL D 125 -22.76 -16.89 40.01
C VAL D 125 -24.07 -17.65 40.05
N SER D 126 -24.62 -17.84 41.25
CA SER D 126 -25.86 -18.57 41.45
C SER D 126 -26.89 -17.65 42.11
N SER D 127 -28.06 -17.57 41.50
CA SER D 127 -29.13 -16.72 42.02
C SER D 127 -30.17 -17.56 42.76
N THR E 333 -2.45 -18.27 20.36
CA THR E 333 -1.96 -17.74 19.08
C THR E 333 -0.71 -18.50 18.64
N ASN E 334 -0.90 -19.47 17.75
CA ASN E 334 0.20 -20.26 17.23
C ASN E 334 0.87 -19.51 16.08
N LEU E 335 1.83 -20.16 15.43
CA LEU E 335 2.55 -19.56 14.33
C LEU E 335 1.59 -19.25 13.19
N CYS E 336 1.76 -18.09 12.58
CA CYS E 336 0.84 -17.64 11.55
C CYS E 336 1.11 -18.37 10.23
N PRO E 337 0.17 -18.27 9.28
CA PRO E 337 0.49 -18.62 7.89
C PRO E 337 1.26 -17.51 7.19
N PHE E 338 1.83 -16.61 8.00
CA PHE E 338 2.53 -15.45 7.47
C PHE E 338 3.56 -15.85 6.42
N GLY E 339 4.19 -17.01 6.59
CA GLY E 339 5.19 -17.45 5.63
C GLY E 339 4.62 -17.90 4.29
N GLU E 340 3.34 -18.26 4.25
CA GLU E 340 2.74 -18.72 3.00
C GLU E 340 2.65 -17.60 1.97
N VAL E 341 2.37 -16.37 2.42
CA VAL E 341 2.22 -15.27 1.47
C VAL E 341 3.50 -15.03 0.70
N PHE E 342 4.64 -15.03 1.40
CA PHE E 342 5.92 -14.80 0.74
C PHE E 342 6.31 -15.99 -0.14
N ASN E 343 6.12 -17.20 0.37
CA ASN E 343 6.40 -18.42 -0.39
C ASN E 343 5.14 -18.91 -1.11
N ALA E 344 4.51 -18.01 -1.86
CA ALA E 344 3.29 -18.31 -2.58
C ALA E 344 3.59 -18.59 -4.05
N THR E 345 2.61 -19.17 -4.74
CA THR E 345 2.74 -19.50 -6.15
C THR E 345 1.98 -18.55 -7.06
N ARG E 346 1.25 -17.59 -6.50
CA ARG E 346 0.48 -16.65 -7.31
C ARG E 346 0.61 -15.26 -6.69
N PHE E 347 0.79 -14.26 -7.56
CA PHE E 347 0.86 -12.87 -7.15
C PHE E 347 0.05 -12.04 -8.14
N ALA E 348 -0.95 -11.34 -7.63
CA ALA E 348 -1.85 -10.58 -8.49
C ALA E 348 -1.12 -9.39 -9.13
N SER E 349 -1.71 -8.86 -10.19
CA SER E 349 -1.16 -7.70 -10.86
C SER E 349 -1.14 -6.51 -9.90
N VAL E 350 -0.20 -5.60 -10.14
CA VAL E 350 0.00 -4.49 -9.21
C VAL E 350 -1.26 -3.64 -9.11
N TYR E 351 -1.94 -3.42 -10.23
CA TYR E 351 -3.20 -2.69 -10.19
C TYR E 351 -4.27 -3.42 -9.40
N ALA E 352 -4.12 -4.73 -9.22
CA ALA E 352 -5.04 -5.52 -8.42
C ALA E 352 -4.31 -6.10 -7.22
N TRP E 353 -3.48 -5.29 -6.56
CA TRP E 353 -2.69 -5.76 -5.44
C TRP E 353 -3.60 -6.37 -4.38
N ASN E 354 -3.17 -7.50 -3.83
CA ASN E 354 -4.00 -8.26 -2.89
C ASN E 354 -3.85 -7.70 -1.49
N ARG E 355 -4.97 -7.37 -0.87
CA ARG E 355 -5.01 -6.88 0.52
C ARG E 355 -5.48 -8.02 1.40
N LYS E 356 -4.52 -8.74 1.96
CA LYS E 356 -4.80 -9.85 2.87
C LYS E 356 -4.71 -9.37 4.32
N ARG E 357 -5.45 -10.03 5.20
CA ARG E 357 -5.40 -9.71 6.63
C ARG E 357 -5.07 -10.97 7.42
N ILE E 358 -4.29 -10.78 8.48
CA ILE E 358 -3.92 -11.88 9.37
C ILE E 358 -4.13 -11.41 10.81
N SER E 359 -4.73 -12.29 11.62
CA SER E 359 -5.04 -11.95 13.00
C SER E 359 -5.13 -13.23 13.82
N ASN E 360 -5.11 -13.06 15.14
CA ASN E 360 -5.25 -14.17 16.08
C ASN E 360 -4.15 -15.21 15.87
N CYS E 361 -2.92 -14.73 15.71
CA CYS E 361 -1.77 -15.61 15.59
C CYS E 361 -0.52 -14.78 15.77
N VAL E 362 0.53 -15.42 16.29
CA VAL E 362 1.81 -14.77 16.53
C VAL E 362 2.67 -14.98 15.29
N ALA E 363 3.16 -13.88 14.72
CA ALA E 363 3.96 -13.92 13.49
C ALA E 363 5.42 -13.72 13.86
N ASP E 364 6.13 -14.83 14.02
CA ASP E 364 7.55 -14.79 14.32
C ASP E 364 8.37 -14.73 13.04
N TYR E 365 9.63 -14.31 13.18
CA TYR E 365 10.59 -14.34 12.08
C TYR E 365 11.18 -15.74 11.89
N SER E 366 10.93 -16.66 12.83
CA SER E 366 11.31 -18.04 12.69
C SER E 366 10.39 -18.81 11.75
N VAL E 367 9.24 -18.22 11.41
CA VAL E 367 8.34 -18.84 10.44
C VAL E 367 8.92 -18.85 9.05
N LEU E 368 9.66 -17.81 8.66
CA LEU E 368 10.31 -17.78 7.36
C LEU E 368 11.63 -17.03 7.43
N TYR E 369 12.73 -17.75 7.67
CA TYR E 369 14.06 -17.18 7.61
C TYR E 369 15.03 -18.15 6.94
N ASN E 370 14.55 -19.34 6.58
CA ASN E 370 15.40 -20.34 5.96
C ASN E 370 15.68 -20.03 4.50
N SER E 371 14.94 -19.12 3.89
CA SER E 371 15.13 -18.72 2.50
C SER E 371 15.32 -17.21 2.41
N ALA E 372 16.16 -16.67 3.30
CA ALA E 372 16.38 -15.24 3.36
C ALA E 372 17.24 -14.78 2.20
N SER E 373 16.59 -14.39 1.11
CA SER E 373 17.27 -13.79 -0.04
C SER E 373 16.55 -12.52 -0.42
N PHE E 374 16.07 -11.79 0.58
CA PHE E 374 15.21 -10.62 0.38
C PHE E 374 16.08 -9.42 0.03
N SER E 375 15.86 -8.85 -1.15
CA SER E 375 16.74 -7.79 -1.63
C SER E 375 16.65 -6.54 -0.76
N THR E 376 15.45 -6.11 -0.41
CA THR E 376 15.25 -4.84 0.27
C THR E 376 14.22 -4.97 1.38
N PHE E 377 14.55 -4.39 2.53
CA PHE E 377 13.64 -4.24 3.65
C PHE E 377 13.47 -2.77 3.97
N LYS E 378 12.28 -2.40 4.44
CA LYS E 378 12.06 -1.09 5.03
C LYS E 378 10.97 -1.20 6.08
N CYS E 379 11.14 -0.45 7.17
CA CYS E 379 10.21 -0.51 8.28
C CYS E 379 10.16 0.85 8.98
N TYR E 380 8.95 1.29 9.30
CA TYR E 380 8.71 2.48 10.09
C TYR E 380 8.07 2.06 11.39
N GLY E 381 8.87 1.98 12.46
CA GLY E 381 8.41 1.46 13.73
C GLY E 381 8.70 -0.02 13.89
N VAL E 382 8.46 -0.51 15.11
CA VAL E 382 8.75 -1.89 15.48
C VAL E 382 8.12 -2.83 14.47
N SER E 383 8.82 -3.90 14.14
CA SER E 383 8.40 -4.88 13.15
C SER E 383 8.42 -6.28 13.76
N PRO E 384 7.63 -7.21 13.22
CA PRO E 384 7.68 -8.58 13.72
C PRO E 384 9.07 -9.18 13.72
N THR E 385 9.93 -8.83 12.76
CA THR E 385 11.30 -9.32 12.73
C THR E 385 12.19 -8.63 13.76
N LYS E 386 11.97 -7.36 14.04
CA LYS E 386 12.70 -6.68 15.11
C LYS E 386 12.39 -7.26 16.48
N LEU E 387 11.11 -7.55 16.75
CA LEU E 387 10.70 -8.21 17.98
C LEU E 387 10.12 -9.55 17.61
N ASN E 388 10.88 -10.62 17.86
CA ASN E 388 10.49 -11.95 17.40
C ASN E 388 9.01 -12.22 17.62
N ASP E 389 8.56 -12.11 18.86
CA ASP E 389 7.15 -12.24 19.20
C ASP E 389 6.59 -10.85 19.49
N LEU E 390 5.66 -10.41 18.64
CA LEU E 390 5.03 -9.11 18.80
C LEU E 390 3.63 -9.19 18.22
N CYS E 391 2.66 -8.64 18.94
CA CYS E 391 1.25 -8.79 18.60
C CYS E 391 0.68 -7.46 18.12
N PHE E 392 -0.26 -7.55 17.19
CA PHE E 392 -0.94 -6.38 16.66
C PHE E 392 -2.41 -6.73 16.44
N THR E 393 -3.25 -5.70 16.39
CA THR E 393 -4.69 -5.91 16.19
C THR E 393 -4.99 -6.20 14.72
N ASN E 394 -4.69 -5.24 13.86
CA ASN E 394 -4.99 -5.33 12.43
C ASN E 394 -3.68 -5.33 11.66
N VAL E 395 -3.29 -6.49 11.15
CA VAL E 395 -2.13 -6.63 10.28
C VAL E 395 -2.63 -7.03 8.90
N TYR E 396 -2.30 -6.22 7.91
CA TYR E 396 -2.70 -6.48 6.53
C TYR E 396 -1.48 -6.36 5.62
N ALA E 397 -1.37 -7.32 4.70
CA ALA E 397 -0.29 -7.38 3.73
C ALA E 397 -0.83 -6.99 2.36
N ASP E 398 -0.15 -6.05 1.72
CA ASP E 398 -0.45 -5.65 0.35
C ASP E 398 0.58 -6.34 -0.54
N SER E 399 0.16 -7.36 -1.26
CA SER E 399 1.04 -8.19 -2.08
C SER E 399 0.86 -7.87 -3.55
N PHE E 400 1.98 -7.75 -4.27
CA PHE E 400 1.95 -7.49 -5.70
C PHE E 400 3.35 -7.71 -6.27
N VAL E 401 3.49 -7.44 -7.57
CA VAL E 401 4.75 -7.60 -8.29
C VAL E 401 4.98 -6.37 -9.15
N ILE E 402 6.21 -5.86 -9.13
CA ILE E 402 6.58 -4.68 -9.91
C ILE E 402 8.05 -4.78 -10.29
N ARG E 403 8.41 -4.08 -11.36
CA ARG E 403 9.79 -4.07 -11.83
C ARG E 403 10.68 -3.30 -10.85
N GLY E 404 11.99 -3.52 -10.99
CA GLY E 404 12.96 -3.10 -10.01
C GLY E 404 12.92 -1.65 -9.57
N ASP E 405 13.18 -0.72 -10.50
CA ASP E 405 13.39 0.68 -10.11
C ASP E 405 12.18 1.23 -9.36
N GLU E 406 10.97 0.91 -9.82
CA GLU E 406 9.77 1.45 -9.20
C GLU E 406 9.55 0.92 -7.79
N VAL E 407 10.30 -0.11 -7.38
CA VAL E 407 10.26 -0.53 -5.98
C VAL E 407 10.67 0.63 -5.08
N ARG E 408 11.51 1.53 -5.59
CA ARG E 408 11.89 2.71 -4.82
C ARG E 408 10.69 3.59 -4.48
N GLN E 409 9.62 3.52 -5.27
CA GLN E 409 8.48 4.41 -5.11
C GLN E 409 7.46 3.92 -4.09
N ILE E 410 7.70 2.78 -3.46
CA ILE E 410 6.82 2.26 -2.42
C ILE E 410 7.27 2.87 -1.10
N ALA E 411 6.80 4.08 -0.82
CA ALA E 411 7.16 4.80 0.39
C ALA E 411 6.24 6.01 0.53
N PRO E 412 5.98 6.48 1.76
CA PRO E 412 5.05 7.59 1.93
C PRO E 412 5.48 8.85 1.18
N GLY E 413 4.54 9.52 0.53
CA GLY E 413 4.80 10.74 -0.19
C GLY E 413 5.38 10.55 -1.58
N GLN E 414 5.62 9.32 -2.01
CA GLN E 414 6.19 9.10 -3.33
C GLN E 414 5.18 9.43 -4.42
N THR E 415 5.69 9.84 -5.58
CA THR E 415 4.85 10.23 -6.71
C THR E 415 5.41 9.61 -7.98
N GLY E 416 4.53 9.45 -8.97
CA GLY E 416 4.93 8.98 -10.28
C GLY E 416 4.53 7.55 -10.57
N LYS E 417 3.73 7.37 -11.62
CA LYS E 417 3.37 6.05 -12.12
C LYS E 417 2.77 5.17 -11.03
N ILE E 418 3.56 4.23 -10.51
CA ILE E 418 3.01 3.19 -9.63
C ILE E 418 2.42 3.81 -8.37
N ALA E 419 3.06 4.85 -7.86
CA ALA E 419 2.62 5.50 -6.63
C ALA E 419 1.41 6.40 -6.84
N ASP E 420 0.96 6.60 -8.08
CA ASP E 420 -0.11 7.53 -8.38
C ASP E 420 -1.36 6.89 -8.95
N TYR E 421 -1.27 5.72 -9.58
CA TYR E 421 -2.42 5.14 -10.26
C TYR E 421 -2.56 3.64 -10.05
N ASN E 422 -1.67 3.02 -9.27
CA ASN E 422 -1.73 1.58 -9.05
C ASN E 422 -1.78 1.25 -7.56
N TYR E 423 -1.01 1.98 -6.75
CA TYR E 423 -0.97 1.78 -5.32
C TYR E 423 -0.54 3.07 -4.64
N LYS E 424 -1.04 3.28 -3.42
CA LYS E 424 -0.68 4.43 -2.63
C LYS E 424 -0.78 4.06 -1.15
N LEU E 425 0.12 4.63 -0.34
CA LEU E 425 0.14 4.42 1.09
C LEU E 425 0.18 5.76 1.80
N PRO E 426 -0.38 5.86 3.00
CA PRO E 426 -0.53 7.17 3.64
C PRO E 426 0.81 7.83 3.91
N ASP E 427 0.82 9.16 3.81
CA ASP E 427 2.04 9.91 4.12
C ASP E 427 2.48 9.74 5.56
N ASP E 428 1.54 9.52 6.48
CA ASP E 428 1.84 9.17 7.86
C ASP E 428 1.78 7.65 7.96
N PHE E 429 2.87 7.00 7.56
CA PHE E 429 2.92 5.56 7.42
C PHE E 429 3.75 4.95 8.54
N THR E 430 3.20 3.94 9.20
CA THR E 430 3.90 3.20 10.25
C THR E 430 3.76 1.71 9.90
N GLY E 431 4.68 1.21 9.09
CA GLY E 431 4.61 -0.17 8.66
C GLY E 431 5.90 -0.60 8.01
N CYS E 432 5.82 -1.70 7.27
CA CYS E 432 6.98 -2.29 6.62
C CYS E 432 6.66 -2.63 5.16
N VAL E 433 7.69 -2.55 4.33
CA VAL E 433 7.63 -2.98 2.94
C VAL E 433 8.85 -3.86 2.67
N ILE E 434 8.60 -5.03 2.08
CA ILE E 434 9.63 -6.02 1.80
C ILE E 434 9.60 -6.33 0.31
N ALA E 435 10.76 -6.20 -0.34
CA ALA E 435 10.87 -6.46 -1.77
C ALA E 435 11.96 -7.48 -2.01
N TRP E 436 11.67 -8.50 -2.81
CA TRP E 436 12.67 -9.50 -3.16
C TRP E 436 12.56 -9.83 -4.64
N ASN E 437 13.71 -9.94 -5.29
CA ASN E 437 13.77 -10.15 -6.73
C ASN E 437 13.59 -11.62 -7.08
N SER E 438 12.88 -11.86 -8.18
CA SER E 438 12.71 -13.20 -8.71
C SER E 438 12.41 -13.08 -10.20
N ASN E 439 12.91 -14.05 -10.97
CA ASN E 439 12.67 -14.08 -12.41
C ASN E 439 12.21 -15.46 -12.85
N ASN E 440 12.04 -16.38 -11.90
CA ASN E 440 11.53 -17.71 -12.18
C ASN E 440 10.33 -18.06 -11.31
N LEU E 441 9.97 -17.18 -10.38
CA LEU E 441 8.76 -17.36 -9.59
C LEU E 441 7.50 -17.01 -10.35
N ASP E 442 7.63 -16.32 -11.48
CA ASP E 442 6.52 -16.07 -12.40
C ASP E 442 6.39 -17.15 -13.47
N SER E 443 7.21 -18.19 -13.41
CA SER E 443 7.14 -19.31 -14.35
C SER E 443 7.50 -18.88 -15.76
N LYS E 444 8.52 -18.05 -15.90
CA LYS E 444 9.05 -17.68 -17.21
C LYS E 444 10.36 -16.93 -17.08
N VAL E 445 11.30 -17.20 -17.97
CA VAL E 445 12.62 -16.56 -17.95
C VAL E 445 12.60 -15.20 -18.63
N GLY E 446 11.59 -14.93 -19.45
CA GLY E 446 11.46 -13.64 -20.09
C GLY E 446 10.39 -12.78 -19.43
N GLY E 447 9.95 -13.19 -18.24
CA GLY E 447 8.94 -12.46 -17.53
C GLY E 447 7.55 -12.74 -18.06
N ASN E 448 6.53 -12.23 -17.39
CA ASN E 448 5.15 -12.42 -17.82
C ASN E 448 4.52 -11.09 -18.21
N TYR E 449 3.64 -11.15 -19.21
CA TYR E 449 2.86 -10.00 -19.64
C TYR E 449 1.46 -10.01 -19.04
N ASN E 450 1.21 -10.91 -18.10
CA ASN E 450 -0.06 -11.00 -17.41
C ASN E 450 -0.16 -10.08 -16.21
N TYR E 451 0.93 -9.42 -15.84
CA TYR E 451 0.94 -8.44 -14.75
C TYR E 451 0.97 -7.06 -15.37
N LEU E 452 -0.17 -6.38 -15.38
CA LEU E 452 -0.33 -5.10 -16.04
C LEU E 452 -0.17 -3.96 -15.05
N TYR E 453 -0.06 -2.75 -15.59
CA TYR E 453 0.02 -1.56 -14.75
C TYR E 453 -0.67 -0.41 -15.47
N ARG E 454 -1.35 0.44 -14.70
CA ARG E 454 -2.09 1.57 -15.24
C ARG E 454 -1.26 2.85 -15.17
N LEU E 455 -1.36 3.65 -16.24
CA LEU E 455 -0.67 4.93 -16.34
C LEU E 455 -1.71 6.01 -16.61
N PHE E 456 -1.86 6.93 -15.66
CA PHE E 456 -2.74 8.09 -15.82
C PHE E 456 -4.20 7.70 -15.69
N ARG E 457 -4.92 8.37 -14.80
CA ARG E 457 -6.37 8.21 -14.69
C ARG E 457 -7.03 9.56 -14.42
N LYS E 458 -6.23 10.63 -14.42
CA LYS E 458 -6.68 11.93 -13.93
C LYS E 458 -6.95 11.83 -12.44
N SER E 459 -6.28 12.66 -11.64
CA SER E 459 -6.34 12.59 -10.19
C SER E 459 -5.55 11.39 -9.71
N ASN E 460 -4.78 11.56 -8.63
CA ASN E 460 -3.90 10.53 -8.11
C ASN E 460 -4.46 9.98 -6.81
N LEU E 461 -4.28 8.67 -6.60
CA LEU E 461 -4.77 8.04 -5.38
C LEU E 461 -4.16 8.68 -4.14
N LYS E 462 -5.00 8.87 -3.13
CA LYS E 462 -4.56 9.39 -1.83
C LYS E 462 -4.74 8.30 -0.79
N PRO E 463 -3.77 8.05 0.09
CA PRO E 463 -3.75 6.82 0.86
C PRO E 463 -4.38 5.60 0.18
N PHE E 464 -4.66 4.56 0.97
CA PHE E 464 -5.11 3.29 0.43
C PHE E 464 -6.38 3.45 -0.40
N GLU E 465 -6.29 3.15 -1.70
CA GLU E 465 -7.44 3.25 -2.60
C GLU E 465 -7.21 2.33 -3.79
N ARG E 466 -8.32 1.95 -4.42
CA ARG E 466 -8.27 1.18 -5.66
C ARG E 466 -9.50 1.52 -6.49
N ASP E 467 -9.26 1.85 -7.76
CA ASP E 467 -10.34 2.14 -8.69
C ASP E 467 -10.03 1.59 -10.08
N ILE E 468 -9.08 0.66 -10.18
CA ILE E 468 -8.56 0.22 -11.46
C ILE E 468 -9.25 -1.07 -11.88
N SER E 469 -9.86 -1.06 -13.05
CA SER E 469 -10.53 -2.23 -13.62
C SER E 469 -10.43 -2.15 -15.14
N THR E 470 -10.69 -3.27 -15.80
CA THR E 470 -10.60 -3.34 -17.26
C THR E 470 -11.64 -2.40 -17.85
N GLU E 471 -11.18 -1.28 -18.40
CA GLU E 471 -12.08 -0.28 -18.98
C GLU E 471 -11.27 0.57 -19.95
N ILE E 472 -11.98 1.40 -20.70
CA ILE E 472 -11.39 2.30 -21.69
C ILE E 472 -11.33 3.69 -21.10
N TYR E 473 -10.13 4.28 -21.09
CA TYR E 473 -9.96 5.66 -20.61
C TYR E 473 -10.52 6.61 -21.67
N GLN E 474 -11.38 7.53 -21.24
CA GLN E 474 -12.07 8.41 -22.15
C GLN E 474 -11.44 9.81 -22.16
N ALA E 475 -11.39 10.40 -23.35
CA ALA E 475 -11.05 11.81 -23.50
C ALA E 475 -9.75 12.19 -22.81
N GLY E 476 -9.64 13.45 -22.38
CA GLY E 476 -8.47 13.97 -21.72
C GLY E 476 -8.15 15.36 -22.25
N SER E 477 -8.36 15.57 -23.55
CA SER E 477 -8.46 16.91 -24.11
C SER E 477 -9.61 16.98 -25.12
N THR E 478 -9.99 15.82 -25.68
CA THR E 478 -11.03 15.71 -26.69
C THR E 478 -11.83 14.43 -26.49
N PRO E 479 -13.16 14.50 -26.43
CA PRO E 479 -13.95 13.30 -26.13
C PRO E 479 -13.89 12.28 -27.26
N CYS E 480 -14.08 11.01 -26.87
CA CYS E 480 -14.12 9.90 -27.81
C CYS E 480 -15.18 8.92 -27.33
N ASN E 481 -15.32 7.82 -28.07
CA ASN E 481 -16.31 6.79 -27.76
C ASN E 481 -15.64 5.41 -27.88
N GLY E 482 -15.11 4.91 -26.77
CA GLY E 482 -14.57 3.57 -26.72
C GLY E 482 -13.25 3.41 -27.45
N VAL E 483 -12.73 2.17 -27.44
CA VAL E 483 -11.48 1.81 -28.09
C VAL E 483 -10.41 2.87 -27.86
N GLU E 484 -9.36 2.85 -28.69
CA GLU E 484 -8.27 3.82 -28.62
C GLU E 484 -8.63 4.94 -29.60
N GLY E 485 -9.50 5.84 -29.15
CA GLY E 485 -10.02 6.88 -30.02
C GLY E 485 -9.12 8.11 -30.07
N PHE E 486 -9.70 9.20 -30.55
CA PHE E 486 -8.97 10.45 -30.71
C PHE E 486 -8.53 10.98 -29.35
N ASN E 487 -7.23 10.88 -29.08
CA ASN E 487 -6.67 11.32 -27.80
C ASN E 487 -7.23 10.50 -26.64
N CYS E 488 -7.30 9.19 -26.84
CA CYS E 488 -7.75 8.27 -25.80
C CYS E 488 -6.86 7.05 -25.81
N TYR E 489 -6.49 6.60 -24.63
CA TYR E 489 -5.56 5.48 -24.46
C TYR E 489 -6.29 4.29 -23.86
N PHE E 490 -5.59 3.16 -23.79
CA PHE E 490 -6.02 2.03 -22.98
C PHE E 490 -5.29 2.07 -21.65
N PRO E 491 -5.99 2.11 -20.52
CA PRO E 491 -5.32 2.45 -19.26
C PRO E 491 -4.24 1.45 -18.86
N LEU E 492 -4.40 0.19 -19.23
CA LEU E 492 -3.48 -0.85 -18.78
C LEU E 492 -2.40 -1.11 -19.82
N GLN E 493 -1.15 -1.13 -19.38
CA GLN E 493 -0.01 -1.48 -20.21
C GLN E 493 0.63 -2.75 -19.66
N SER E 494 1.17 -3.57 -20.57
CA SER E 494 1.70 -4.88 -20.21
C SER E 494 3.22 -4.83 -20.11
N TYR E 495 3.76 -5.52 -19.12
CA TYR E 495 5.21 -5.68 -19.04
C TYR E 495 5.68 -6.66 -20.10
N GLY E 496 6.98 -6.64 -20.36
CA GLY E 496 7.54 -7.39 -21.45
C GLY E 496 7.51 -8.89 -21.19
N PHE E 497 7.66 -9.63 -22.29
CA PHE E 497 7.73 -11.09 -22.24
C PHE E 497 9.06 -11.63 -22.75
N GLN E 498 9.94 -10.78 -23.26
CA GLN E 498 11.27 -11.13 -23.73
C GLN E 498 12.25 -11.20 -22.56
N PRO E 499 13.44 -11.73 -22.78
CA PRO E 499 14.41 -11.82 -21.67
C PRO E 499 14.67 -10.46 -21.06
N THR E 500 14.77 -10.42 -19.74
CA THR E 500 14.92 -9.17 -19.02
C THR E 500 16.28 -8.54 -19.31
N ASN E 501 16.33 -7.22 -19.21
CA ASN E 501 17.56 -6.46 -19.40
C ASN E 501 18.28 -6.17 -18.09
N GLY E 502 18.13 -7.07 -17.11
CA GLY E 502 18.73 -6.89 -15.81
C GLY E 502 17.70 -6.84 -14.71
N VAL E 503 18.20 -6.68 -13.48
CA VAL E 503 17.33 -6.64 -12.31
C VAL E 503 16.35 -5.47 -12.42
N GLY E 504 16.76 -4.40 -13.09
CA GLY E 504 15.91 -3.23 -13.19
C GLY E 504 14.57 -3.51 -13.81
N TYR E 505 14.48 -4.53 -14.68
CA TYR E 505 13.23 -4.88 -15.35
C TYR E 505 12.71 -6.24 -14.89
N GLN E 506 13.34 -6.84 -13.87
CA GLN E 506 12.90 -8.13 -13.37
C GLN E 506 11.69 -7.96 -12.44
N PRO E 507 10.84 -9.00 -12.34
CA PRO E 507 9.62 -8.85 -11.54
C PRO E 507 9.84 -9.03 -10.05
N TYR E 508 10.24 -7.96 -9.36
CA TYR E 508 10.34 -8.00 -7.91
C TYR E 508 8.98 -8.24 -7.27
N ARG E 509 8.94 -9.18 -6.33
CA ARG E 509 7.78 -9.35 -5.48
C ARG E 509 7.84 -8.37 -4.31
N VAL E 510 6.71 -7.70 -4.06
CA VAL E 510 6.64 -6.68 -3.03
C VAL E 510 5.46 -7.00 -2.11
N VAL E 511 5.74 -7.00 -0.80
CA VAL E 511 4.72 -7.18 0.23
C VAL E 511 4.86 -6.03 1.21
N VAL E 512 3.83 -5.19 1.28
CA VAL E 512 3.79 -4.07 2.22
C VAL E 512 3.08 -4.57 3.46
N LEU E 513 3.82 -4.63 4.57
CA LEU E 513 3.29 -5.13 5.84
C LEU E 513 2.82 -3.95 6.69
N SER E 514 1.87 -3.20 6.14
CA SER E 514 1.30 -2.08 6.86
C SER E 514 0.34 -2.57 7.94
N PHE E 515 0.60 -2.16 9.18
CA PHE E 515 -0.17 -2.59 10.33
C PHE E 515 -0.49 -1.38 11.20
N GLU E 516 -1.54 -1.53 12.00
CA GLU E 516 -2.01 -0.45 12.85
C GLU E 516 -2.47 -1.01 14.18
N LEU E 517 -2.48 -0.15 15.20
CA LEU E 517 -2.91 -0.50 16.54
C LEU E 517 -4.11 0.36 16.93
N LEU E 518 -5.11 -0.28 17.54
CA LEU E 518 -6.32 0.41 17.97
C LEU E 518 -6.89 -0.31 19.17
N HIS E 519 -7.73 0.41 19.93
CA HIS E 519 -8.35 -0.16 21.12
C HIS E 519 -9.18 -1.37 20.74
N ALA E 520 -8.84 -2.53 21.27
CA ALA E 520 -9.47 -3.79 20.90
C ALA E 520 -9.23 -4.79 22.02
N PRO E 521 -9.97 -5.90 22.03
CA PRO E 521 -9.64 -6.98 22.98
C PRO E 521 -8.32 -7.64 22.62
N ALA E 522 -7.67 -8.20 23.64
CA ALA E 522 -6.36 -8.80 23.48
C ALA E 522 -6.47 -10.18 22.83
N THR E 523 -5.36 -10.93 22.92
CA THR E 523 -5.21 -12.26 22.33
C THR E 523 -5.45 -12.22 20.83
N VAL E 524 -5.34 -11.04 20.23
CA VAL E 524 -5.30 -10.87 18.78
C VAL E 524 -3.89 -10.42 18.42
N CYS E 525 -3.25 -11.15 17.51
CA CYS E 525 -1.83 -10.95 17.24
C CYS E 525 -1.60 -10.95 15.74
N GLY E 526 -0.48 -10.35 15.35
CA GLY E 526 -0.09 -10.29 13.95
C GLY E 526 1.32 -9.77 13.77
#